data_8CIZ
#
_entry.id   8CIZ
#
_cell.length_a   83.937
_cell.length_b   150.050
_cell.length_c   72.381
_cell.angle_alpha   90.00
_cell.angle_beta   103.92
_cell.angle_gamma   90.00
#
_symmetry.space_group_name_H-M   'C 1 2 1'
#
loop_
_entity.id
_entity.type
_entity.pdbx_description
1 polymer 'Beta sliding clamp'
2 polymer 'Mycoplanecin A'
3 water water
#
loop_
_entity_poly.entity_id
_entity_poly.type
_entity_poly.pdbx_seq_one_letter_code
_entity_poly.pdbx_strand_id
1 'polypeptide(L)'
;GGRMKFTVEREHLLKPLQQVSGPLGGRPTLPILGNLLLQVADGTLSLTGTDLEMEMVARVALVQPHEPGATTVPARKFFD
ICRGLPEGAEIAVQLEGERMLVRSGRSRFSLSTLPAADFPNLDDWQSEVEFTLPQATMKRLIEATQFSMAHQDVRYYLNG
MLFETEGEELRTVATDGHRLAVCSMPIGQSLPSHSVIVPRKGVIELMRMLDGGDNPLRVQIGSNNIRAHVGDFIFTSKLV
DGRFPDYRRVLPKNPDKHLEAGCDLLKQAFARAAILSNEKFRGVRLYVSENQLKITANNPEQEEAEEILDVTYSGAEMEI
GFNVSYVLDVLNALKCENVRMMLTDSVSSVQIEDAASQSAAYVVMPMRL
;
A,B
2 'polypeptide(L)' (2KT)(MVA)(V3C)(NZC)L(MP8)(HLX)(MVA)P(MLU)G C,D
#
loop_
_chem_comp.id
_chem_comp.type
_chem_comp.name
_chem_comp.formula
2KT non-polymer '2-KETOBUTYRIC ACID' 'C4 H6 O3'
#
# COMPACT_ATOMS: atom_id res chain seq x y z
N GLY A 2 -17.82 -26.95 27.20
CA GLY A 2 -19.24 -26.70 27.60
C GLY A 2 -20.24 -27.18 26.58
N ARG A 3 -21.45 -26.65 26.65
CA ARG A 3 -22.54 -27.04 25.76
C ARG A 3 -22.71 -26.08 24.58
N MET A 4 -21.92 -25.01 24.50
CA MET A 4 -22.16 -23.98 23.48
C MET A 4 -22.22 -24.59 22.09
N LYS A 5 -23.25 -24.22 21.34
CA LYS A 5 -23.46 -24.71 19.99
C LYS A 5 -24.33 -23.72 19.23
N PHE A 6 -23.95 -23.40 18.00
CA PHE A 6 -24.79 -22.53 17.17
C PHE A 6 -24.49 -22.80 15.70
N THR A 7 -25.44 -22.42 14.86
CA THR A 7 -25.30 -22.52 13.42
C THR A 7 -25.88 -21.25 12.81
N VAL A 8 -25.11 -20.59 11.96
CA VAL A 8 -25.48 -19.30 11.42
C VAL A 8 -24.90 -19.17 10.01
N GLU A 9 -25.54 -18.32 9.20
CA GLU A 9 -25.06 -18.06 7.86
C GLU A 9 -23.79 -17.22 7.89
N ARG A 10 -22.89 -17.48 6.95
CA ARG A 10 -21.67 -16.69 6.83
C ARG A 10 -22.00 -15.21 6.71
N GLU A 11 -22.99 -14.86 5.88
CA GLU A 11 -23.26 -13.46 5.59
C GLU A 11 -23.66 -12.68 6.83
N HIS A 12 -24.26 -13.34 7.82
CA HIS A 12 -24.67 -12.68 9.05
C HIS A 12 -23.55 -12.61 10.08
N LEU A 13 -22.46 -13.34 9.88
CA LEU A 13 -21.37 -13.41 10.83
C LEU A 13 -20.15 -12.59 10.41
N LEU A 14 -20.08 -12.18 9.14
CA LEU A 14 -18.83 -11.64 8.61
C LEU A 14 -18.55 -10.24 9.14
N LYS A 15 -19.53 -9.34 9.06
CA LYS A 15 -19.29 -7.97 9.50
C LYS A 15 -19.12 -7.93 11.02
N PRO A 16 -19.93 -8.66 11.79
CA PRO A 16 -19.66 -8.76 13.23
C PRO A 16 -18.22 -9.16 13.54
N LEU A 17 -17.71 -10.22 12.90
CA LEU A 17 -16.37 -10.69 13.21
C LEU A 17 -15.31 -9.65 12.87
N GLN A 18 -15.44 -9.00 11.72
CA GLN A 18 -14.42 -8.05 11.28
C GLN A 18 -14.34 -6.88 12.25
N GLN A 19 -15.47 -6.40 12.76
CA GLN A 19 -15.47 -5.20 13.57
C GLN A 19 -14.84 -5.45 14.93
N VAL A 20 -15.09 -6.61 15.53
CA VAL A 20 -14.47 -6.92 16.82
C VAL A 20 -13.02 -7.35 16.69
N SER A 21 -12.55 -7.62 15.47
CA SER A 21 -11.16 -7.96 15.23
C SER A 21 -10.41 -6.67 14.92
N GLY A 22 -10.12 -5.90 15.98
CA GLY A 22 -9.32 -4.70 15.87
C GLY A 22 -7.91 -5.02 15.43
N PRO A 23 -7.57 -4.75 14.16
CA PRO A 23 -6.28 -5.20 13.63
C PRO A 23 -5.08 -4.54 14.31
N PRO A 28 0.92 -9.33 19.09
CA PRO A 28 1.91 -9.47 20.16
C PRO A 28 1.37 -9.05 21.52
N THR A 29 0.35 -9.76 21.98
CA THR A 29 -0.30 -9.43 23.25
C THR A 29 -0.37 -10.66 24.15
N LEU A 30 -1.08 -10.56 25.28
CA LEU A 30 -1.30 -11.72 26.13
C LEU A 30 -2.11 -12.77 25.36
N PRO A 31 -1.99 -14.04 25.74
CA PRO A 31 -2.70 -15.09 24.97
C PRO A 31 -4.19 -14.84 24.85
N ILE A 32 -4.86 -14.54 25.96
CA ILE A 32 -6.31 -14.43 25.93
C ILE A 32 -6.76 -13.19 25.15
N LEU A 33 -5.93 -12.15 25.09
CA LEU A 33 -6.32 -10.92 24.42
C LEU A 33 -6.30 -11.03 22.91
N GLY A 34 -5.72 -12.08 22.35
CA GLY A 34 -5.83 -12.35 20.94
C GLY A 34 -7.07 -13.14 20.56
N ASN A 35 -7.93 -13.44 21.53
CA ASN A 35 -9.10 -14.27 21.32
C ASN A 35 -10.36 -13.42 21.36
N LEU A 36 -11.42 -13.91 20.71
CA LEU A 36 -12.75 -13.37 20.85
C LEU A 36 -13.51 -14.17 21.89
N LEU A 37 -14.34 -13.49 22.67
CA LEU A 37 -15.28 -14.16 23.57
C LEU A 37 -16.58 -14.41 22.82
N LEU A 38 -17.02 -15.66 22.78
CA LEU A 38 -18.28 -16.02 22.15
C LEU A 38 -19.27 -16.45 23.24
N GLN A 39 -20.48 -15.90 23.17
CA GLN A 39 -21.51 -16.20 24.15
C GLN A 39 -22.82 -16.44 23.42
N VAL A 40 -23.40 -17.62 23.62
CA VAL A 40 -24.73 -17.94 23.10
C VAL A 40 -25.70 -17.87 24.26
N ALA A 41 -26.78 -17.10 24.09
CA ALA A 41 -27.75 -16.96 25.16
C ALA A 41 -28.99 -16.18 24.70
N ASP A 42 -30.17 -16.77 24.90
N ASP A 42 -30.18 -16.77 24.89
CA ASP A 42 -31.44 -16.11 24.58
CA ASP A 42 -31.44 -16.11 24.58
C ASP A 42 -31.51 -15.77 23.09
C ASP A 42 -31.55 -15.78 23.09
N GLY A 43 -31.26 -16.77 22.25
CA GLY A 43 -31.33 -16.58 20.82
C GLY A 43 -30.37 -15.54 20.27
N THR A 44 -29.28 -15.26 20.99
CA THR A 44 -28.34 -14.23 20.60
C THR A 44 -26.91 -14.77 20.73
N LEU A 45 -26.09 -14.46 19.74
CA LEU A 45 -24.65 -14.72 19.78
C LEU A 45 -23.94 -13.40 19.99
N SER A 46 -23.09 -13.33 21.02
CA SER A 46 -22.32 -12.14 21.33
C SER A 46 -20.84 -12.41 21.10
N LEU A 47 -20.18 -11.50 20.39
CA LEU A 47 -18.75 -11.57 20.13
C LEU A 47 -18.07 -10.35 20.72
N THR A 48 -17.04 -10.58 21.53
CA THR A 48 -16.35 -9.50 22.23
C THR A 48 -14.85 -9.58 21.98
N GLY A 49 -14.25 -8.45 21.65
CA GLY A 49 -12.80 -8.34 21.61
C GLY A 49 -12.36 -7.17 22.47
N THR A 50 -11.16 -7.31 23.05
CA THR A 50 -10.67 -6.32 23.99
C THR A 50 -9.15 -6.27 23.94
N ASP A 51 -8.61 -5.20 24.55
CA ASP A 51 -7.17 -5.08 24.78
C ASP A 51 -6.90 -4.46 26.16
N LEU A 52 -7.83 -4.63 27.10
CA LEU A 52 -7.74 -4.12 28.47
C LEU A 52 -8.03 -2.63 28.56
N GLU A 53 -7.96 -1.91 27.44
CA GLU A 53 -8.25 -0.48 27.40
C GLU A 53 -9.52 -0.15 26.63
N MET A 54 -9.76 -0.83 25.51
CA MET A 54 -10.98 -0.67 24.75
C MET A 54 -11.64 -2.03 24.56
N GLU A 55 -12.90 -2.00 24.16
CA GLU A 55 -13.72 -3.21 24.06
C GLU A 55 -14.72 -3.03 22.94
N MET A 56 -14.91 -4.09 22.15
CA MET A 56 -15.85 -4.08 21.05
C MET A 56 -16.77 -5.30 21.19
N VAL A 57 -18.08 -5.06 21.18
CA VAL A 57 -19.07 -6.12 21.35
C VAL A 57 -20.03 -6.08 20.17
N ALA A 58 -20.27 -7.24 19.55
CA ALA A 58 -21.23 -7.38 18.49
C ALA A 58 -22.27 -8.43 18.88
N ARG A 59 -23.51 -8.21 18.45
CA ARG A 59 -24.60 -9.13 18.71
C ARG A 59 -25.18 -9.63 17.38
N VAL A 60 -25.41 -10.94 17.30
CA VAL A 60 -25.96 -11.58 16.12
C VAL A 60 -27.16 -12.43 16.56
N ALA A 61 -28.28 -12.26 15.86
CA ALA A 61 -29.48 -13.04 16.15
C ALA A 61 -29.33 -14.46 15.60
N LEU A 62 -29.74 -15.44 16.39
CA LEU A 62 -29.67 -16.85 16.04
C LEU A 62 -31.09 -17.35 15.77
N VAL A 63 -31.39 -17.62 14.50
CA VAL A 63 -32.71 -18.13 14.11
C VAL A 63 -32.73 -19.65 14.01
N GLN A 64 -31.59 -20.30 14.06
CA GLN A 64 -31.48 -21.75 14.03
C GLN A 64 -31.22 -22.29 15.42
N PRO A 65 -31.44 -23.59 15.65
CA PRO A 65 -31.25 -24.15 17.00
C PRO A 65 -29.85 -23.88 17.52
N HIS A 66 -29.78 -23.71 18.84
CA HIS A 66 -28.51 -23.39 19.50
C HIS A 66 -28.56 -23.91 20.93
N GLU A 67 -27.39 -23.89 21.59
CA GLU A 67 -27.26 -24.29 22.98
C GLU A 67 -26.44 -23.24 23.70
N PRO A 68 -26.90 -22.71 24.83
CA PRO A 68 -26.15 -21.64 25.50
C PRO A 68 -24.79 -22.11 26.00
N GLY A 69 -23.88 -21.16 26.11
CA GLY A 69 -22.53 -21.44 26.54
C GLY A 69 -21.59 -20.33 26.13
N ALA A 70 -20.32 -20.51 26.46
CA ALA A 70 -19.33 -19.48 26.20
C ALA A 70 -17.94 -20.10 26.10
N THR A 71 -17.07 -19.43 25.35
CA THR A 71 -15.68 -19.82 25.20
C THR A 71 -14.95 -18.67 24.52
N THR A 72 -13.65 -18.84 24.32
CA THR A 72 -12.87 -17.87 23.56
C THR A 72 -12.03 -18.61 22.52
N VAL A 73 -11.84 -17.95 21.38
CA VAL A 73 -11.11 -18.55 20.26
C VAL A 73 -10.24 -17.50 19.62
N PRO A 74 -9.12 -17.93 19.00
CA PRO A 74 -8.27 -16.97 18.29
C PRO A 74 -9.04 -16.12 17.29
N ALA A 75 -8.96 -14.80 17.45
CA ALA A 75 -9.82 -13.89 16.72
C ALA A 75 -9.50 -13.90 15.23
N ARG A 76 -8.24 -13.65 14.87
CA ARG A 76 -7.88 -13.53 13.46
C ARG A 76 -8.11 -14.85 12.72
N LYS A 77 -7.73 -15.97 13.34
CA LYS A 77 -7.91 -17.25 12.68
C LYS A 77 -9.39 -17.54 12.43
N PHE A 78 -10.24 -17.24 13.41
CA PHE A 78 -11.68 -17.49 13.25
C PHE A 78 -12.26 -16.59 12.16
N PHE A 79 -11.83 -15.32 12.11
CA PHE A 79 -12.33 -14.42 11.08
C PHE A 79 -11.84 -14.84 9.70
N ASP A 80 -10.57 -15.24 9.58
CA ASP A 80 -10.07 -15.68 8.30
C ASP A 80 -10.76 -16.96 7.84
N ILE A 81 -11.15 -17.83 8.77
CA ILE A 81 -11.87 -19.06 8.40
C ILE A 81 -13.23 -18.71 7.81
N CYS A 82 -13.99 -17.88 8.50
CA CYS A 82 -15.33 -17.52 8.00
C CYS A 82 -15.25 -16.70 6.73
N ARG A 83 -14.24 -15.83 6.62
CA ARG A 83 -14.09 -15.04 5.41
C ARG A 83 -13.62 -15.89 4.23
N GLY A 84 -12.85 -16.96 4.51
CA GLY A 84 -12.40 -17.83 3.44
C GLY A 84 -13.45 -18.78 2.91
N LEU A 85 -14.55 -18.97 3.63
CA LEU A 85 -15.59 -19.87 3.18
C LEU A 85 -16.38 -19.23 2.03
N PRO A 86 -17.02 -20.05 1.19
CA PRO A 86 -17.72 -19.50 0.03
C PRO A 86 -18.98 -18.73 0.44
N GLU A 87 -19.33 -17.76 -0.39
CA GLU A 87 -20.50 -16.94 -0.12
C GLU A 87 -21.74 -17.83 0.00
N GLY A 88 -22.59 -17.51 0.97
CA GLY A 88 -23.76 -18.31 1.24
C GLY A 88 -23.52 -19.54 2.07
N ALA A 89 -22.34 -19.67 2.68
CA ALA A 89 -22.01 -20.85 3.45
C ALA A 89 -22.74 -20.83 4.79
N GLU A 90 -22.98 -22.03 5.32
CA GLU A 90 -23.56 -22.22 6.64
C GLU A 90 -22.46 -22.72 7.56
N ILE A 91 -22.29 -22.05 8.70
CA ILE A 91 -21.20 -22.33 9.62
C ILE A 91 -21.78 -22.87 10.92
N ALA A 92 -21.45 -24.13 11.22
CA ALA A 92 -21.88 -24.79 12.44
C ALA A 92 -20.71 -24.87 13.40
N VAL A 93 -20.95 -24.52 14.66
CA VAL A 93 -19.92 -24.42 15.69
C VAL A 93 -20.36 -25.18 16.93
N GLN A 94 -19.44 -25.94 17.51
CA GLN A 94 -19.67 -26.63 18.77
C GLN A 94 -18.35 -26.74 19.52
N LEU A 95 -18.45 -27.07 20.80
CA LEU A 95 -17.28 -27.28 21.65
C LEU A 95 -17.00 -28.76 21.82
N GLU A 96 -15.72 -29.09 21.96
CA GLU A 96 -15.27 -30.46 22.21
C GLU A 96 -14.03 -30.36 23.09
N GLY A 97 -14.25 -30.23 24.39
CA GLY A 97 -13.17 -30.11 25.35
C GLY A 97 -12.46 -28.78 25.26
N GLU A 98 -11.15 -28.81 25.02
CA GLU A 98 -10.34 -27.61 24.84
C GLU A 98 -10.27 -27.17 23.38
N ARG A 99 -11.28 -27.53 22.59
CA ARG A 99 -11.27 -27.27 21.15
C ARG A 99 -12.66 -26.83 20.70
N MET A 100 -12.69 -25.96 19.70
CA MET A 100 -13.92 -25.55 19.04
C MET A 100 -13.91 -26.11 17.62
N LEU A 101 -14.91 -26.92 17.29
CA LEU A 101 -15.04 -27.50 15.96
C LEU A 101 -15.93 -26.62 15.11
N VAL A 102 -15.42 -26.18 13.97
CA VAL A 102 -16.16 -25.37 13.00
C VAL A 102 -16.35 -26.23 11.75
N ARG A 103 -17.59 -26.29 11.27
CA ARG A 103 -17.94 -27.11 10.11
C ARG A 103 -18.76 -26.29 9.12
N SER A 104 -18.40 -26.39 7.84
CA SER A 104 -19.17 -25.79 6.77
C SER A 104 -18.90 -26.61 5.51
N GLY A 105 -19.94 -27.18 4.93
CA GLY A 105 -19.73 -28.11 3.85
C GLY A 105 -18.84 -29.25 4.32
N ARG A 106 -17.86 -29.61 3.49
CA ARG A 106 -16.86 -30.60 3.85
C ARG A 106 -15.56 -29.96 4.29
N SER A 107 -15.64 -28.76 4.87
CA SER A 107 -14.51 -28.11 5.50
C SER A 107 -14.65 -28.21 7.01
N ARG A 108 -13.62 -28.73 7.68
CA ARG A 108 -13.61 -28.90 9.12
C ARG A 108 -12.41 -28.18 9.72
N PHE A 109 -12.65 -27.48 10.83
CA PHE A 109 -11.61 -26.73 11.51
C PHE A 109 -11.72 -26.98 13.01
N SER A 110 -10.57 -27.06 13.67
CA SER A 110 -10.49 -27.31 15.11
C SER A 110 -9.58 -26.26 15.72
N LEU A 111 -10.17 -25.30 16.42
CA LEU A 111 -9.44 -24.17 17.00
C LEU A 111 -9.26 -24.39 18.50
N SER A 112 -8.08 -24.02 19.00
CA SER A 112 -7.83 -24.11 20.42
C SER A 112 -8.53 -22.97 21.15
N THR A 113 -8.95 -23.21 22.39
CA THR A 113 -9.75 -22.28 23.16
C THR A 113 -9.09 -22.00 24.50
N LEU A 114 -9.56 -20.94 25.14
CA LEU A 114 -9.27 -20.62 26.53
C LEU A 114 -10.57 -20.33 27.25
N PRO A 115 -10.65 -20.62 28.56
CA PRO A 115 -11.94 -20.48 29.26
C PRO A 115 -12.45 -19.04 29.22
N ALA A 116 -13.77 -18.91 29.08
CA ALA A 116 -14.39 -17.59 29.06
C ALA A 116 -14.30 -16.91 30.41
N ALA A 117 -14.19 -17.68 31.49
CA ALA A 117 -14.13 -17.10 32.83
C ALA A 117 -12.90 -16.23 33.03
N ASP A 118 -11.90 -16.37 32.16
CA ASP A 118 -10.69 -15.56 32.26
C ASP A 118 -10.70 -14.36 31.33
N PHE A 119 -11.62 -14.30 30.37
CA PHE A 119 -11.75 -13.10 29.55
C PHE A 119 -12.12 -11.93 30.45
N PRO A 120 -11.44 -10.79 30.35
CA PRO A 120 -11.68 -9.70 31.30
C PRO A 120 -12.92 -8.91 30.95
N ASN A 121 -13.78 -8.70 31.94
CA ASN A 121 -14.93 -7.82 31.79
C ASN A 121 -14.55 -6.40 32.21
N LEU A 122 -15.07 -5.41 31.50
CA LEU A 122 -14.85 -4.02 31.84
C LEU A 122 -15.95 -3.58 32.80
N ASP A 123 -15.56 -3.11 33.99
CA ASP A 123 -16.53 -2.77 35.02
C ASP A 123 -17.43 -1.63 34.55
N ASP A 124 -18.48 -1.38 35.33
CA ASP A 124 -19.48 -0.39 34.97
C ASP A 124 -19.05 1.01 35.40
N TRP A 125 -19.67 2.00 34.78
CA TRP A 125 -19.37 3.41 35.02
C TRP A 125 -20.61 4.22 34.73
N GLN A 126 -20.77 5.32 35.46
CA GLN A 126 -21.95 6.17 35.32
C GLN A 126 -21.78 7.06 34.09
N SER A 127 -22.75 7.00 33.18
CA SER A 127 -22.77 7.92 32.06
C SER A 127 -23.14 9.32 32.54
N GLU A 128 -22.37 10.31 32.14
CA GLU A 128 -22.59 11.70 32.55
C GLU A 128 -23.15 12.57 31.45
N VAL A 129 -22.75 12.33 30.20
CA VAL A 129 -23.30 13.01 29.04
C VAL A 129 -23.81 11.94 28.08
N GLU A 130 -24.91 12.24 27.41
CA GLU A 130 -25.51 11.29 26.48
C GLU A 130 -26.17 12.04 25.34
N PHE A 131 -25.88 11.62 24.11
CA PHE A 131 -26.46 12.26 22.93
C PHE A 131 -26.34 11.33 21.74
N THR A 132 -27.12 11.62 20.71
CA THR A 132 -27.04 10.94 19.43
C THR A 132 -26.77 11.96 18.35
N LEU A 133 -26.06 11.52 17.31
CA LEU A 133 -25.70 12.40 16.20
C LEU A 133 -25.49 11.55 14.96
N PRO A 134 -25.62 12.13 13.77
CA PRO A 134 -25.39 11.34 12.55
C PRO A 134 -23.97 10.80 12.48
N GLN A 135 -23.84 9.66 11.81
CA GLN A 135 -22.51 9.11 11.58
C GLN A 135 -21.64 10.06 10.78
N ALA A 136 -22.24 10.78 9.82
CA ALA A 136 -21.48 11.71 9.01
C ALA A 136 -20.94 12.87 9.84
N THR A 137 -21.67 13.29 10.87
CA THR A 137 -21.18 14.37 11.72
C THR A 137 -19.93 13.94 12.47
N MET A 138 -19.97 12.76 13.11
CA MET A 138 -18.79 12.25 13.79
C MET A 138 -17.63 12.09 12.81
N LYS A 139 -17.91 11.60 11.60
CA LYS A 139 -16.85 11.44 10.61
C LYS A 139 -16.18 12.77 10.28
N ARG A 140 -16.99 13.83 10.14
CA ARG A 140 -16.43 15.13 9.81
C ARG A 140 -15.58 15.68 10.95
N LEU A 141 -16.02 15.48 12.20
CA LEU A 141 -15.30 16.02 13.34
C LEU A 141 -13.91 15.39 13.46
N ILE A 142 -13.80 14.11 13.18
CA ILE A 142 -12.52 13.41 13.34
C ILE A 142 -11.60 13.70 12.17
N GLU A 143 -12.12 13.60 10.94
CA GLU A 143 -11.29 13.84 9.77
C GLU A 143 -10.77 15.26 9.70
N ALA A 144 -11.44 16.22 10.36
CA ALA A 144 -10.99 17.59 10.33
C ALA A 144 -9.79 17.85 11.22
N THR A 145 -9.57 17.01 12.23
CA THR A 145 -8.53 17.24 13.23
C THR A 145 -7.57 16.09 13.43
N GLN A 146 -7.89 14.87 12.98
CA GLN A 146 -7.09 13.70 13.30
C GLN A 146 -5.62 13.92 12.97
N PHE A 147 -5.33 14.50 11.80
CA PHE A 147 -3.96 14.64 11.33
C PHE A 147 -3.10 15.50 12.24
N SER A 148 -3.69 16.34 13.07
CA SER A 148 -2.90 17.23 13.91
C SER A 148 -2.43 16.57 15.20
N MET A 149 -2.91 15.37 15.50
CA MET A 149 -2.52 14.70 16.75
C MET A 149 -1.01 14.45 16.76
N ALA A 150 -0.45 14.45 17.96
CA ALA A 150 0.90 13.97 18.14
C ALA A 150 0.93 12.44 18.06
N HIS A 151 2.15 11.90 17.96
CA HIS A 151 2.35 10.45 17.95
C HIS A 151 3.50 10.13 18.89
N GLN A 152 3.21 9.37 19.96
CA GLN A 152 4.22 8.97 20.94
C GLN A 152 4.89 10.19 21.57
N ASP A 153 4.07 11.13 22.02
CA ASP A 153 4.55 12.35 22.65
C ASP A 153 4.67 12.13 24.16
N VAL A 154 5.72 12.72 24.75
CA VAL A 154 5.89 12.64 26.20
C VAL A 154 4.59 13.01 26.91
N ARG A 155 3.98 14.12 26.49
CA ARG A 155 2.64 14.49 26.95
C ARG A 155 1.64 13.49 26.38
N TYR A 156 1.29 12.48 27.17
CA TYR A 156 0.40 11.43 26.69
C TYR A 156 -0.97 11.98 26.31
N TYR A 157 -1.33 13.16 26.83
CA TYR A 157 -2.62 13.77 26.54
C TYR A 157 -2.66 14.38 25.14
N LEU A 158 -1.52 14.62 24.51
CA LEU A 158 -1.48 15.12 23.15
C LEU A 158 -1.55 14.00 22.11
N ASN A 159 -1.37 12.75 22.51
CA ASN A 159 -1.52 11.64 21.58
C ASN A 159 -2.98 11.40 21.21
N GLY A 160 -3.91 11.85 22.05
CA GLY A 160 -5.32 11.66 21.80
C GLY A 160 -5.96 12.89 21.18
N MET A 161 -7.29 12.87 21.12
CA MET A 161 -8.08 13.95 20.54
C MET A 161 -9.14 14.35 21.55
N LEU A 162 -9.14 15.62 21.93
CA LEU A 162 -10.14 16.12 22.87
C LEU A 162 -11.52 16.09 22.24
N PHE A 163 -12.51 15.67 23.04
CA PHE A 163 -13.92 15.71 22.64
C PHE A 163 -14.64 16.56 23.67
N GLU A 164 -15.09 17.74 23.26
CA GLU A 164 -15.70 18.73 24.15
C GLU A 164 -17.15 18.97 23.75
N THR A 165 -18.02 19.00 24.75
CA THR A 165 -19.42 19.36 24.57
C THR A 165 -19.67 20.74 25.14
N GLU A 166 -20.51 21.52 24.45
CA GLU A 166 -20.84 22.87 24.90
C GLU A 166 -22.11 23.30 24.18
N GLY A 167 -23.15 23.61 24.96
CA GLY A 167 -24.40 24.11 24.40
C GLY A 167 -25.06 23.13 23.46
N GLU A 168 -25.01 23.44 22.16
CA GLU A 168 -25.62 22.62 21.12
C GLU A 168 -24.58 21.94 20.24
N GLU A 169 -23.30 22.07 20.56
CA GLU A 169 -22.23 21.70 19.64
C GLU A 169 -21.29 20.67 20.27
N LEU A 170 -20.81 19.77 19.43
CA LEU A 170 -19.71 18.88 19.78
C LEU A 170 -18.44 19.36 19.09
N ARG A 171 -17.32 19.31 19.80
CA ARG A 171 -16.06 19.88 19.35
C ARG A 171 -14.95 18.87 19.49
N THR A 172 -14.04 18.85 18.52
CA THR A 172 -12.83 18.05 18.59
C THR A 172 -11.62 18.97 18.45
N VAL A 173 -10.56 18.64 19.19
CA VAL A 173 -9.32 19.41 19.16
C VAL A 173 -8.14 18.45 19.15
N ALA A 174 -7.14 18.76 18.34
CA ALA A 174 -5.93 17.96 18.27
C ALA A 174 -4.75 18.88 17.96
N THR A 175 -3.62 18.61 18.60
CA THR A 175 -2.42 19.42 18.44
C THR A 175 -1.22 18.60 18.84
N ASP A 176 -0.07 18.94 18.24
CA ASP A 176 1.20 18.30 18.57
C ASP A 176 2.20 19.30 19.14
N GLY A 177 1.80 20.54 19.38
CA GLY A 177 2.68 21.57 19.88
C GLY A 177 3.13 22.57 18.84
N HIS A 178 3.14 22.20 17.56
CA HIS A 178 3.50 23.11 16.49
C HIS A 178 2.31 23.56 15.66
N ARG A 179 1.24 22.77 15.61
CA ARG A 179 0.05 23.14 14.87
C ARG A 179 -1.16 22.55 15.59
N LEU A 180 -2.31 23.20 15.41
CA LEU A 180 -3.53 22.82 16.09
C LEU A 180 -4.68 22.82 15.10
N ALA A 181 -5.64 21.94 15.34
CA ALA A 181 -6.86 21.85 14.56
C ALA A 181 -8.05 21.77 15.50
N VAL A 182 -9.12 22.47 15.16
CA VAL A 182 -10.34 22.50 15.97
C VAL A 182 -11.54 22.52 15.02
N CYS A 183 -12.60 21.82 15.40
CA CYS A 183 -13.79 21.72 14.56
C CYS A 183 -15.01 21.54 15.45
N SER A 184 -16.03 22.36 15.22
CA SER A 184 -17.26 22.32 15.99
C SER A 184 -18.43 22.02 15.05
N MET A 185 -19.40 21.25 15.54
CA MET A 185 -20.56 20.87 14.74
C MET A 185 -21.81 20.87 15.63
N PRO A 186 -22.93 21.37 15.11
CA PRO A 186 -24.18 21.30 15.87
C PRO A 186 -24.79 19.91 15.76
N ILE A 187 -25.52 19.53 16.80
CA ILE A 187 -26.16 18.22 16.84
C ILE A 187 -27.57 18.35 17.41
N GLY A 188 -28.03 19.58 17.60
CA GLY A 188 -29.44 19.81 17.90
C GLY A 188 -29.91 19.27 19.22
N GLN A 189 -29.11 19.40 20.27
CA GLN A 189 -29.49 18.93 21.59
C GLN A 189 -28.80 19.81 22.65
N SER A 190 -29.52 20.10 23.72
CA SER A 190 -28.96 20.87 24.83
C SER A 190 -28.09 19.95 25.67
N LEU A 191 -26.77 20.13 25.58
CA LEU A 191 -25.86 19.24 26.27
C LEU A 191 -25.13 19.97 27.40
N PRO A 192 -24.72 19.24 28.44
CA PRO A 192 -23.86 19.83 29.47
C PRO A 192 -22.46 20.09 28.92
N SER A 193 -21.61 20.72 29.73
CA SER A 193 -20.22 20.99 29.37
C SER A 193 -19.34 19.88 29.94
N HIS A 194 -18.49 19.31 29.10
CA HIS A 194 -17.65 18.20 29.52
C HIS A 194 -16.48 18.09 28.54
N SER A 195 -15.27 17.94 29.08
CA SER A 195 -14.05 17.84 28.28
C SER A 195 -13.35 16.53 28.61
N VAL A 196 -13.17 15.68 27.60
CA VAL A 196 -12.49 14.40 27.76
C VAL A 196 -11.51 14.20 26.61
N ILE A 197 -10.49 13.39 26.87
CA ILE A 197 -9.47 13.05 25.88
C ILE A 197 -9.67 11.60 25.48
N VAL A 198 -9.83 11.37 24.18
CA VAL A 198 -9.99 10.03 23.62
C VAL A 198 -8.64 9.59 23.05
N PRO A 199 -8.07 8.48 23.50
CA PRO A 199 -6.73 8.10 23.03
C PRO A 199 -6.71 7.78 21.54
N ARG A 200 -5.50 7.82 20.98
CA ARG A 200 -5.32 7.66 19.54
C ARG A 200 -6.07 6.45 19.02
N LYS A 201 -5.88 5.30 19.68
CA LYS A 201 -6.52 4.06 19.20
C LYS A 201 -8.03 4.14 19.29
N GLY A 202 -8.56 4.85 20.29
CA GLY A 202 -10.01 5.04 20.35
C GLY A 202 -10.53 5.81 19.17
N VAL A 203 -9.82 6.86 18.76
CA VAL A 203 -10.21 7.61 17.57
C VAL A 203 -10.27 6.68 16.36
N ILE A 204 -9.24 5.84 16.21
CA ILE A 204 -9.20 4.93 15.06
C ILE A 204 -10.38 3.97 15.09
N GLU A 205 -10.56 3.29 16.23
CA GLU A 205 -11.69 2.36 16.33
C GLU A 205 -13.01 3.08 16.11
N LEU A 206 -13.16 4.28 16.67
CA LEU A 206 -14.32 5.10 16.39
C LEU A 206 -14.54 5.20 14.89
N MET A 207 -13.54 5.71 14.16
CA MET A 207 -13.65 5.85 12.72
C MET A 207 -14.07 4.53 12.07
N ARG A 208 -13.56 3.40 12.58
CA ARG A 208 -13.87 2.11 11.98
C ARG A 208 -15.35 1.76 12.07
N MET A 209 -16.05 2.25 13.10
CA MET A 209 -17.43 1.84 13.32
C MET A 209 -18.39 2.44 12.32
N LEU A 210 -18.02 3.57 11.69
CA LEU A 210 -18.96 4.28 10.83
C LEU A 210 -19.08 3.54 9.51
N ASP A 211 -20.29 3.09 9.19
CA ASP A 211 -20.59 2.43 7.93
C ASP A 211 -21.34 3.35 6.96
N GLY A 212 -21.33 4.66 7.22
CA GLY A 212 -21.98 5.61 6.34
C GLY A 212 -23.45 5.29 6.09
N GLY A 213 -24.11 4.70 7.09
CA GLY A 213 -25.49 4.29 6.96
C GLY A 213 -26.46 5.25 7.67
N ASP A 214 -27.73 4.86 7.64
CA ASP A 214 -28.80 5.63 8.26
C ASP A 214 -29.08 5.17 9.70
N ASN A 215 -28.08 4.58 10.36
CA ASN A 215 -28.21 4.18 11.76
C ASN A 215 -27.49 5.20 12.63
N PRO A 216 -28.20 6.10 13.32
CA PRO A 216 -27.51 7.14 14.09
C PRO A 216 -26.52 6.56 15.10
N LEU A 217 -25.56 7.39 15.49
CA LEU A 217 -24.55 7.05 16.47
C LEU A 217 -24.95 7.63 17.82
N ARG A 218 -24.98 6.81 18.85
CA ARG A 218 -25.31 7.23 20.21
C ARG A 218 -24.04 7.18 21.07
N VAL A 219 -23.74 8.30 21.75
CA VAL A 219 -22.54 8.43 22.55
C VAL A 219 -22.90 8.54 24.02
N GLN A 220 -22.11 7.88 24.86
CA GLN A 220 -22.17 8.04 26.31
C GLN A 220 -20.78 8.34 26.82
N ILE A 221 -20.61 9.49 27.45
CA ILE A 221 -19.34 9.88 28.05
C ILE A 221 -19.50 9.86 29.57
N GLY A 222 -18.53 9.28 30.25
CA GLY A 222 -18.64 9.07 31.68
C GLY A 222 -17.35 9.20 32.47
N SER A 223 -16.79 10.41 32.48
CA SER A 223 -15.66 10.73 33.36
C SER A 223 -14.37 10.04 32.91
N ASN A 224 -14.34 8.71 33.00
CA ASN A 224 -13.15 7.94 32.65
C ASN A 224 -13.38 6.97 31.51
N ASN A 225 -14.52 7.07 30.82
CA ASN A 225 -14.86 6.12 29.76
C ASN A 225 -15.77 6.80 28.76
N ILE A 226 -15.68 6.37 27.51
CA ILE A 226 -16.58 6.80 26.44
C ILE A 226 -17.14 5.57 25.77
N ARG A 227 -18.41 5.65 25.34
CA ARG A 227 -19.10 4.53 24.72
C ARG A 227 -19.84 5.00 23.49
N ALA A 228 -19.85 4.17 22.44
CA ALA A 228 -20.49 4.50 21.18
C ALA A 228 -21.32 3.30 20.71
N HIS A 229 -22.54 3.59 20.23
CA HIS A 229 -23.47 2.56 19.76
C HIS A 229 -23.78 2.81 18.30
N VAL A 230 -23.64 1.77 17.48
CA VAL A 230 -24.01 1.82 16.07
C VAL A 230 -24.66 0.48 15.74
N GLY A 231 -25.96 0.50 15.45
CA GLY A 231 -26.66 -0.75 15.20
C GLY A 231 -26.48 -1.73 16.35
N ASP A 232 -26.08 -2.95 16.01
CA ASP A 232 -25.82 -3.99 17.02
C ASP A 232 -24.36 -4.00 17.48
N PHE A 233 -23.71 -2.84 17.53
CA PHE A 233 -22.31 -2.72 17.89
C PHE A 233 -22.15 -1.73 19.03
N ILE A 234 -21.23 -2.02 19.94
CA ILE A 234 -20.95 -1.15 21.08
C ILE A 234 -19.44 -1.11 21.28
N PHE A 235 -18.86 0.08 21.22
CA PHE A 235 -17.45 0.29 21.45
C PHE A 235 -17.25 1.09 22.73
N THR A 236 -16.39 0.59 23.61
CA THR A 236 -16.08 1.24 24.88
C THR A 236 -14.57 1.40 24.99
N SER A 237 -14.13 2.59 25.42
CA SER A 237 -12.72 2.91 25.53
C SER A 237 -12.45 3.71 26.79
N LYS A 238 -11.31 3.45 27.42
CA LYS A 238 -10.83 4.30 28.50
C LYS A 238 -10.46 5.68 27.96
N LEU A 239 -10.50 6.66 28.84
CA LEU A 239 -10.04 8.00 28.51
C LEU A 239 -8.61 8.20 29.02
N VAL A 240 -7.97 9.23 28.49
CA VAL A 240 -6.62 9.60 28.93
C VAL A 240 -6.75 10.55 30.11
N ASP A 241 -6.04 10.24 31.19
CA ASP A 241 -6.09 11.05 32.41
C ASP A 241 -5.06 12.16 32.29
N GLY A 242 -5.53 13.37 32.02
CA GLY A 242 -4.65 14.51 31.91
C GLY A 242 -5.45 15.73 31.51
N ARG A 243 -4.77 16.88 31.51
CA ARG A 243 -5.38 18.15 31.15
C ARG A 243 -4.97 18.54 29.74
N PHE A 244 -5.94 18.71 28.87
CA PHE A 244 -5.67 19.14 27.51
C PHE A 244 -5.53 20.66 27.46
N PRO A 245 -4.57 21.19 26.69
CA PRO A 245 -4.43 22.64 26.61
C PRO A 245 -5.64 23.30 25.98
N ASP A 246 -5.85 24.57 26.34
CA ASP A 246 -7.05 25.31 25.93
C ASP A 246 -6.81 25.95 24.57
N TYR A 247 -7.56 25.48 23.57
CA TYR A 247 -7.37 25.98 22.21
C TYR A 247 -7.66 27.48 22.11
N ARG A 248 -8.51 28.00 22.99
CA ARG A 248 -8.84 29.42 22.93
C ARG A 248 -7.63 30.31 23.19
N ARG A 249 -6.60 29.79 23.86
CA ARG A 249 -5.43 30.59 24.21
C ARG A 249 -4.32 30.50 23.17
N VAL A 250 -4.45 29.63 22.16
CA VAL A 250 -3.50 29.59 21.07
C VAL A 250 -4.05 30.23 19.80
N LEU A 251 -5.35 30.48 19.74
CA LEU A 251 -5.90 31.25 18.64
C LEU A 251 -5.26 32.64 18.65
N PRO A 252 -4.71 33.12 17.54
CA PRO A 252 -4.19 34.49 17.53
C PRO A 252 -5.29 35.49 17.79
N LYS A 253 -5.00 36.47 18.66
CA LYS A 253 -5.91 37.59 18.84
C LYS A 253 -5.65 38.59 17.73
N ASN A 254 -6.73 39.20 17.24
CA ASN A 254 -6.66 40.29 16.27
C ASN A 254 -5.70 39.99 15.12
N PRO A 255 -5.84 38.84 14.46
CA PRO A 255 -5.06 38.64 13.21
C PRO A 255 -5.72 39.39 12.07
N ASP A 256 -5.39 40.69 11.97
CA ASP A 256 -6.11 41.61 11.09
C ASP A 256 -5.66 41.54 9.64
N LYS A 257 -4.55 40.86 9.34
CA LYS A 257 -4.07 40.73 7.95
C LYS A 257 -4.73 39.52 7.33
N HIS A 258 -5.82 39.75 6.59
CA HIS A 258 -6.62 38.67 6.01
C HIS A 258 -6.24 38.46 4.55
N LEU A 259 -5.78 37.25 4.23
CA LEU A 259 -5.46 36.86 2.88
C LEU A 259 -6.45 35.79 2.44
N GLU A 260 -6.99 35.94 1.22
CA GLU A 260 -7.90 34.96 0.64
C GLU A 260 -7.33 34.49 -0.68
N ALA A 261 -7.35 33.17 -0.91
CA ALA A 261 -6.80 32.61 -2.13
C ALA A 261 -7.58 31.35 -2.49
N GLY A 262 -7.46 30.95 -3.76
CA GLY A 262 -8.08 29.71 -4.18
C GLY A 262 -7.44 28.52 -3.49
N CYS A 263 -8.28 27.60 -3.01
CA CYS A 263 -7.81 26.43 -2.29
C CYS A 263 -6.85 25.61 -3.15
N ASP A 264 -7.25 25.31 -4.39
CA ASP A 264 -6.48 24.38 -5.21
C ASP A 264 -5.19 25.01 -5.71
N LEU A 265 -5.27 26.25 -6.22
CA LEU A 265 -4.08 26.92 -6.74
C LEU A 265 -3.02 27.11 -5.66
N LEU A 266 -3.45 27.49 -4.45
CA LEU A 266 -2.50 27.65 -3.37
C LEU A 266 -1.82 26.33 -3.05
N LYS A 267 -2.58 25.24 -3.01
CA LYS A 267 -2.04 23.93 -2.68
C LYS A 267 -1.03 23.48 -3.72
N GLN A 268 -1.34 23.63 -5.01
CA GLN A 268 -0.41 23.23 -6.06
C GLN A 268 0.86 24.07 -6.01
N ALA A 269 0.74 25.37 -5.68
CA ALA A 269 1.93 26.21 -5.60
C ALA A 269 2.85 25.76 -4.46
N PHE A 270 2.26 25.44 -3.30
CA PHE A 270 3.06 24.96 -2.17
C PHE A 270 3.65 23.60 -2.45
N ALA A 271 2.88 22.72 -3.10
CA ALA A 271 3.40 21.38 -3.41
C ALA A 271 4.61 21.48 -4.34
N ARG A 272 4.58 22.40 -5.30
CA ARG A 272 5.71 22.54 -6.21
C ARG A 272 6.92 23.12 -5.49
N ALA A 273 6.72 24.16 -4.69
CA ALA A 273 7.85 24.77 -3.99
C ALA A 273 8.50 23.78 -3.03
N ALA A 274 7.69 22.92 -2.41
CA ALA A 274 8.21 21.99 -1.42
C ALA A 274 9.24 21.05 -1.99
N ILE A 275 9.28 20.88 -3.32
CA ILE A 275 10.23 19.96 -3.94
C ILE A 275 11.66 20.40 -3.65
N LEU A 276 11.90 21.71 -3.62
CA LEU A 276 13.24 22.24 -3.42
C LEU A 276 13.44 22.81 -2.01
N SER A 277 12.62 22.39 -1.06
CA SER A 277 12.80 22.78 0.33
C SER A 277 13.69 21.77 1.05
N ASN A 278 14.18 22.17 2.21
CA ASN A 278 15.03 21.28 3.01
C ASN A 278 14.25 20.02 3.37
N GLU A 279 14.90 18.86 3.21
CA GLU A 279 14.21 17.60 3.45
C GLU A 279 13.85 17.43 4.92
N LYS A 280 14.63 18.06 5.82
CA LYS A 280 14.42 17.90 7.25
C LYS A 280 13.45 18.95 7.79
N PHE A 281 13.71 20.22 7.53
CA PHE A 281 12.94 21.30 8.13
C PHE A 281 11.79 21.77 7.25
N ARG A 282 11.91 21.64 5.93
CA ARG A 282 10.80 21.82 4.99
C ARG A 282 10.30 23.27 4.94
N GLY A 283 11.19 24.23 5.19
CA GLY A 283 10.76 25.62 5.31
C GLY A 283 10.56 26.26 3.95
N VAL A 284 9.42 26.94 3.80
CA VAL A 284 9.14 27.79 2.66
C VAL A 284 8.94 29.21 3.17
N ARG A 285 9.17 30.18 2.28
CA ARG A 285 9.08 31.59 2.61
C ARG A 285 7.94 32.22 1.83
N LEU A 286 7.10 32.98 2.52
CA LEU A 286 5.96 33.66 1.92
C LEU A 286 6.20 35.16 1.95
N TYR A 287 5.98 35.82 0.81
CA TYR A 287 6.01 37.27 0.71
CA TYR A 287 6.01 37.26 0.69
C TYR A 287 4.60 37.71 0.33
N VAL A 288 3.94 38.40 1.26
CA VAL A 288 2.57 38.87 1.04
C VAL A 288 2.63 40.36 0.74
N SER A 289 2.07 40.75 -0.40
CA SER A 289 1.99 42.15 -0.80
C SER A 289 0.58 42.39 -1.33
N GLU A 290 0.34 43.61 -1.80
CA GLU A 290 -0.99 43.96 -2.29
C GLU A 290 -1.45 42.97 -3.34
N ASN A 291 -2.47 42.18 -3.02
CA ASN A 291 -3.11 41.26 -3.96
C ASN A 291 -2.11 40.30 -4.60
N GLN A 292 -1.03 39.96 -3.89
CA GLN A 292 -0.04 39.05 -4.45
C GLN A 292 0.62 38.26 -3.34
N LEU A 293 0.83 36.97 -3.59
CA LEU A 293 1.56 36.08 -2.70
C LEU A 293 2.68 35.42 -3.49
N LYS A 294 3.91 35.49 -2.95
CA LYS A 294 5.07 34.85 -3.55
C LYS A 294 5.65 33.85 -2.57
N ILE A 295 5.88 32.63 -3.05
CA ILE A 295 6.37 31.53 -2.23
C ILE A 295 7.73 31.11 -2.79
N THR A 296 8.72 31.01 -1.91
CA THR A 296 10.07 30.61 -2.30
C THR A 296 10.54 29.49 -1.40
N ALA A 297 11.49 28.71 -1.91
CA ALA A 297 12.04 27.58 -1.18
C ALA A 297 13.48 27.35 -1.61
N ASN A 298 14.34 27.04 -0.64
CA ASN A 298 15.74 26.74 -0.89
C ASN A 298 16.14 25.53 -0.06
N ASN A 299 17.13 24.79 -0.55
CA ASN A 299 17.65 23.61 0.12
C ASN A 299 19.15 23.73 0.24
N PRO A 300 19.80 22.86 1.03
CA PRO A 300 21.25 22.98 1.21
C PRO A 300 22.02 22.96 -0.10
N GLU A 301 21.47 22.35 -1.15
CA GLU A 301 22.14 22.27 -2.44
C GLU A 301 22.05 23.58 -3.22
N GLN A 302 21.44 24.62 -2.63
CA GLN A 302 21.32 25.93 -3.25
C GLN A 302 20.43 25.91 -4.49
N GLU A 303 19.48 24.98 -4.53
CA GLU A 303 18.42 25.02 -5.52
C GLU A 303 17.28 25.90 -5.02
N GLU A 304 16.52 26.46 -5.95
CA GLU A 304 15.54 27.49 -5.62
C GLU A 304 14.25 27.29 -6.40
N ALA A 305 13.13 27.54 -5.74
CA ALA A 305 11.82 27.55 -6.36
C ALA A 305 11.11 28.85 -6.02
N GLU A 306 10.29 29.32 -6.96
CA GLU A 306 9.52 30.54 -6.77
C GLU A 306 8.15 30.39 -7.41
N GLU A 307 7.10 30.72 -6.66
CA GLU A 307 5.72 30.74 -7.14
C GLU A 307 5.11 32.09 -6.87
N ILE A 308 4.37 32.63 -7.84
CA ILE A 308 3.64 33.88 -7.69
C ILE A 308 2.16 33.61 -7.95
N LEU A 309 1.31 34.04 -7.03
CA LEU A 309 -0.13 33.81 -7.12
C LEU A 309 -0.88 35.11 -6.93
N ASP A 310 -1.94 35.28 -7.72
CA ASP A 310 -2.89 36.36 -7.47
C ASP A 310 -3.76 35.96 -6.28
N VAL A 311 -3.85 36.86 -5.30
CA VAL A 311 -4.65 36.65 -4.10
C VAL A 311 -5.31 37.97 -3.74
N THR A 312 -6.18 37.90 -2.74
CA THR A 312 -6.83 39.08 -2.19
C THR A 312 -6.13 39.45 -0.88
N TYR A 313 -5.51 40.63 -0.85
CA TYR A 313 -4.80 41.08 0.34
C TYR A 313 -4.48 42.57 0.20
N SER A 314 -4.79 43.34 1.24
CA SER A 314 -4.58 44.79 1.22
C SER A 314 -3.86 45.31 2.45
N GLY A 315 -3.36 44.43 3.30
CA GLY A 315 -2.66 44.85 4.50
C GLY A 315 -1.21 45.20 4.23
N ALA A 316 -0.46 45.34 5.33
CA ALA A 316 0.96 45.67 5.24
C ALA A 316 1.75 44.50 4.65
N GLU A 317 2.83 44.83 3.94
CA GLU A 317 3.72 43.80 3.43
C GLU A 317 4.31 43.01 4.59
N MET A 318 4.61 41.74 4.32
CA MET A 318 5.11 40.88 5.38
C MET A 318 5.86 39.70 4.78
N GLU A 319 6.85 39.23 5.52
CA GLU A 319 7.63 38.06 5.17
C GLU A 319 7.53 37.07 6.32
N ILE A 320 7.14 35.83 6.01
CA ILE A 320 6.90 34.82 7.04
C ILE A 320 7.24 33.46 6.48
N GLY A 321 7.83 32.60 7.32
CA GLY A 321 8.23 31.26 6.92
C GLY A 321 7.36 30.20 7.56
N PHE A 322 7.27 29.04 6.92
CA PHE A 322 6.40 27.97 7.36
C PHE A 322 6.94 26.60 6.97
N ASN A 323 6.77 25.63 7.87
CA ASN A 323 6.89 24.23 7.49
C ASN A 323 5.82 23.91 6.44
N VAL A 324 6.25 23.67 5.20
CA VAL A 324 5.26 23.53 4.13
C VAL A 324 4.42 22.28 4.31
N SER A 325 4.95 21.26 5.00
CA SER A 325 4.17 20.05 5.24
C SER A 325 2.95 20.35 6.11
N TYR A 326 3.12 21.20 7.13
CA TYR A 326 1.99 21.57 7.99
C TYR A 326 0.95 22.36 7.20
N VAL A 327 1.40 23.23 6.30
CA VAL A 327 0.46 24.03 5.52
C VAL A 327 -0.34 23.14 4.58
N LEU A 328 0.35 22.22 3.90
CA LEU A 328 -0.35 21.33 2.98
C LEU A 328 -1.34 20.44 3.74
N ASP A 329 -0.94 19.94 4.91
CA ASP A 329 -1.86 19.16 5.72
C ASP A 329 -3.17 19.89 5.93
N VAL A 330 -3.11 21.19 6.24
CA VAL A 330 -4.32 21.96 6.48
C VAL A 330 -5.13 22.11 5.19
N LEU A 331 -4.46 22.40 4.08
CA LEU A 331 -5.18 22.62 2.82
C LEU A 331 -5.88 21.34 2.37
N ASN A 332 -5.25 20.18 2.56
CA ASN A 332 -5.89 18.93 2.20
C ASN A 332 -7.06 18.61 3.12
N ALA A 333 -6.95 18.97 4.40
CA ALA A 333 -8.07 18.73 5.31
C ALA A 333 -9.25 19.66 5.05
N LEU A 334 -9.00 20.83 4.46
CA LEU A 334 -10.09 21.79 4.25
C LEU A 334 -10.95 21.44 3.05
N LYS A 335 -10.36 20.86 2.01
CA LYS A 335 -11.11 20.44 0.82
C LYS A 335 -11.99 21.58 0.33
N CYS A 336 -11.40 22.77 0.24
CA CYS A 336 -12.16 24.00 0.10
C CYS A 336 -12.05 24.54 -1.33
N GLU A 337 -12.81 25.61 -1.59
CA GLU A 337 -12.71 26.37 -2.83
C GLU A 337 -11.92 27.65 -2.66
N ASN A 338 -12.07 28.33 -1.52
CA ASN A 338 -11.30 29.51 -1.18
C ASN A 338 -10.87 29.38 0.28
N VAL A 339 -9.60 29.67 0.55
CA VAL A 339 -9.05 29.56 1.89
C VAL A 339 -8.73 30.96 2.39
N ARG A 340 -8.89 31.16 3.69
CA ARG A 340 -8.61 32.43 4.34
C ARG A 340 -7.50 32.23 5.34
N MET A 341 -6.43 33.03 5.22
CA MET A 341 -5.33 33.05 6.17
C MET A 341 -5.37 34.34 6.96
N MET A 342 -5.29 34.23 8.28
CA MET A 342 -5.36 35.37 9.18
C MET A 342 -3.99 35.55 9.82
N LEU A 343 -3.28 36.60 9.43
CA LEU A 343 -1.90 36.83 9.83
C LEU A 343 -1.81 38.00 10.80
N THR A 344 -0.77 37.96 11.64
CA THR A 344 -0.48 39.05 12.56
C THR A 344 0.91 39.63 12.33
N ASP A 345 1.95 38.80 12.40
CA ASP A 345 3.30 39.23 12.06
C ASP A 345 4.14 37.98 11.84
N SER A 346 5.41 38.18 11.49
CA SER A 346 6.25 37.10 11.01
C SER A 346 6.62 36.09 12.08
N VAL A 347 6.41 36.39 13.36
CA VAL A 347 6.77 35.48 14.44
C VAL A 347 5.55 34.99 15.21
N SER A 348 4.35 35.29 14.74
CA SER A 348 3.12 34.89 15.41
C SER A 348 2.41 33.81 14.61
N SER A 349 1.56 33.05 15.30
CA SER A 349 0.81 32.00 14.64
C SER A 349 -0.16 32.59 13.63
N VAL A 350 -0.52 31.76 12.64
N VAL A 350 -0.55 31.75 12.66
CA VAL A 350 -1.49 32.10 11.63
CA VAL A 350 -1.51 32.13 11.64
C VAL A 350 -2.71 31.20 11.81
C VAL A 350 -2.70 31.18 11.73
N GLN A 351 -3.89 31.74 11.56
CA GLN A 351 -5.13 30.98 11.58
C GLN A 351 -5.60 30.80 10.15
N ILE A 352 -5.98 29.57 9.80
CA ILE A 352 -6.41 29.23 8.46
C ILE A 352 -7.79 28.60 8.55
N GLU A 353 -8.68 29.02 7.64
CA GLU A 353 -10.05 28.54 7.63
C GLU A 353 -10.54 28.47 6.20
N ASP A 354 -11.62 27.72 6.00
CA ASP A 354 -12.37 27.81 4.76
C ASP A 354 -12.98 29.21 4.66
N ALA A 355 -12.79 29.86 3.52
CA ALA A 355 -13.25 31.25 3.38
C ALA A 355 -14.76 31.38 3.60
N ALA A 356 -15.51 30.27 3.50
CA ALA A 356 -16.96 30.33 3.62
C ALA A 356 -17.48 29.41 4.72
N SER A 357 -16.65 29.05 5.70
CA SER A 357 -17.09 28.19 6.79
C SER A 357 -16.17 28.38 7.98
N GLN A 358 -16.75 28.64 9.15
CA GLN A 358 -16.00 28.76 10.39
C GLN A 358 -16.10 27.50 11.25
N SER A 359 -16.74 26.45 10.76
CA SER A 359 -16.87 25.23 11.54
C SER A 359 -15.51 24.67 11.94
N ALA A 360 -14.51 24.80 11.06
CA ALA A 360 -13.17 24.30 11.32
C ALA A 360 -12.18 25.45 11.29
N ALA A 361 -11.13 25.32 12.11
CA ALA A 361 -10.09 26.34 12.18
C ALA A 361 -8.77 25.65 12.49
N TYR A 362 -7.69 26.20 11.92
CA TYR A 362 -6.37 25.60 12.04
C TYR A 362 -5.36 26.69 12.36
N VAL A 363 -4.49 26.41 13.33
CA VAL A 363 -3.48 27.36 13.80
C VAL A 363 -2.12 26.71 13.61
N VAL A 364 -1.21 27.44 12.95
CA VAL A 364 0.11 26.91 12.60
C VAL A 364 1.16 27.95 12.98
N MET A 365 2.18 27.52 13.72
CA MET A 365 3.26 28.41 14.11
C MET A 365 4.23 28.60 12.94
N PRO A 366 4.78 29.80 12.74
CA PRO A 366 5.79 29.99 11.70
C PRO A 366 7.18 29.56 12.18
N MET A 367 8.10 29.51 11.23
CA MET A 367 9.51 29.26 11.50
C MET A 367 10.32 30.52 11.23
N ARG A 368 11.59 30.47 11.64
CA ARG A 368 12.53 31.54 11.37
C ARG A 368 13.41 31.15 10.19
N LEU A 369 13.45 32.01 9.18
CA LEU A 369 14.36 31.83 8.06
C LEU A 369 14.98 33.18 7.69
N GLY B 2 26.71 25.44 -21.16
CA GLY B 2 26.47 25.32 -22.63
C GLY B 2 25.27 26.11 -23.09
N ARG B 3 24.85 25.89 -24.34
CA ARG B 3 23.77 26.64 -24.96
C ARG B 3 22.42 25.96 -24.86
N MET B 4 22.32 24.78 -24.22
CA MET B 4 21.11 23.98 -24.29
C MET B 4 19.88 24.80 -23.89
N LYS B 5 18.82 24.67 -24.68
CA LYS B 5 17.60 25.43 -24.45
C LYS B 5 16.47 24.75 -25.21
N PHE B 6 15.32 24.58 -24.56
CA PHE B 6 14.17 24.00 -25.24
C PHE B 6 12.90 24.39 -24.49
N THR B 7 11.80 24.42 -25.25
CA THR B 7 10.47 24.69 -24.72
C THR B 7 9.53 23.63 -25.24
N VAL B 8 8.84 22.93 -24.33
CA VAL B 8 8.03 21.79 -24.71
C VAL B 8 6.80 21.73 -23.82
N GLU B 9 5.70 21.22 -24.39
CA GLU B 9 4.49 21.02 -23.62
C GLU B 9 4.72 20.00 -22.51
N ARG B 10 4.12 20.27 -21.36
CA ARG B 10 4.19 19.32 -20.24
C ARG B 10 3.73 17.93 -20.68
N GLU B 11 2.61 17.87 -21.41
CA GLU B 11 2.02 16.58 -21.75
C GLU B 11 2.96 15.73 -22.60
N HIS B 12 3.78 16.35 -23.43
CA HIS B 12 4.72 15.60 -24.26
C HIS B 12 5.95 15.15 -23.51
N LEU B 13 6.17 15.68 -22.30
CA LEU B 13 7.36 15.36 -21.52
C LEU B 13 7.07 14.45 -20.34
N LEU B 14 5.80 14.25 -19.98
CA LEU B 14 5.48 13.59 -18.72
C LEU B 14 5.83 12.11 -18.76
N LYS B 15 5.20 11.35 -19.65
CA LYS B 15 5.48 9.91 -19.71
C LYS B 15 6.95 9.62 -20.00
N PRO B 16 7.61 10.30 -20.95
CA PRO B 16 9.07 10.09 -21.09
C PRO B 16 9.81 10.20 -19.77
N LEU B 17 9.60 11.27 -19.01
CA LEU B 17 10.33 11.46 -17.76
C LEU B 17 10.06 10.32 -16.79
N GLN B 18 8.80 9.88 -16.69
CA GLN B 18 8.45 8.85 -15.73
C GLN B 18 9.19 7.55 -16.03
N GLN B 19 9.35 7.21 -17.31
CA GLN B 19 9.94 5.92 -17.67
C GLN B 19 11.43 5.90 -17.41
N VAL B 20 12.12 7.03 -17.61
CA VAL B 20 13.57 7.04 -17.47
C VAL B 20 13.99 7.18 -16.02
N SER B 21 13.19 7.85 -15.19
CA SER B 21 13.59 8.19 -13.83
C SER B 21 13.14 7.14 -12.81
N GLY B 22 12.70 5.97 -13.26
CA GLY B 22 12.44 4.86 -12.36
C GLY B 22 13.75 4.21 -11.95
N PRO B 23 14.23 4.50 -10.73
CA PRO B 23 15.60 4.12 -10.37
C PRO B 23 15.87 2.63 -10.47
N PRO B 28 19.65 5.76 -3.60
CA PRO B 28 20.66 6.61 -2.98
C PRO B 28 22.08 6.10 -3.22
N THR B 29 22.55 6.25 -4.45
CA THR B 29 23.86 5.73 -4.86
C THR B 29 24.77 6.91 -5.17
N LEU B 30 25.40 6.98 -6.35
CA LEU B 30 26.30 8.08 -6.67
C LEU B 30 25.49 9.31 -7.07
N PRO B 31 26.03 10.51 -6.88
CA PRO B 31 25.26 11.71 -7.21
C PRO B 31 24.82 11.75 -8.67
N ILE B 32 25.73 11.40 -9.59
CA ILE B 32 25.42 11.48 -11.01
C ILE B 32 24.35 10.46 -11.40
N LEU B 33 24.28 9.33 -10.71
CA LEU B 33 23.29 8.31 -11.04
C LEU B 33 21.88 8.66 -10.59
N GLY B 34 21.72 9.73 -9.82
CA GLY B 34 20.41 10.27 -9.53
C GLY B 34 19.94 11.29 -10.53
N ASN B 35 20.70 11.51 -11.60
CA ASN B 35 20.46 12.57 -12.56
C ASN B 35 20.09 12.00 -13.92
N LEU B 36 19.24 12.73 -14.65
CA LEU B 36 18.96 12.41 -16.04
C LEU B 36 19.91 13.18 -16.95
N LEU B 37 20.41 12.50 -17.98
CA LEU B 37 21.18 13.16 -19.03
C LEU B 37 20.19 13.73 -20.05
N LEU B 38 20.22 15.06 -20.22
CA LEU B 38 19.39 15.73 -21.21
C LEU B 38 20.27 16.16 -22.38
N GLN B 39 19.77 15.93 -23.59
CA GLN B 39 20.50 16.28 -24.80
C GLN B 39 19.53 16.87 -25.81
N VAL B 40 19.84 18.06 -26.29
CA VAL B 40 19.11 18.71 -27.38
C VAL B 40 19.98 18.61 -28.62
N ALA B 41 19.43 18.02 -29.69
CA ALA B 41 20.18 17.81 -30.92
C ALA B 41 19.28 17.38 -32.06
N ASP B 42 19.30 18.14 -33.16
CA ASP B 42 18.59 17.78 -34.39
C ASP B 42 17.08 17.69 -34.16
N GLY B 43 16.52 18.75 -33.58
CA GLY B 43 15.09 18.80 -33.35
C GLY B 43 14.59 17.69 -32.44
N THR B 44 15.44 17.18 -31.56
CA THR B 44 15.08 16.07 -30.70
C THR B 44 15.67 16.28 -29.30
N LEU B 45 14.86 16.03 -28.28
CA LEU B 45 15.29 16.01 -26.89
C LEU B 45 15.44 14.56 -26.45
N SER B 46 16.60 14.23 -25.88
CA SER B 46 16.89 12.89 -25.41
C SER B 46 17.04 12.91 -23.89
N LEU B 47 16.36 11.99 -23.22
CA LEU B 47 16.45 11.83 -21.77
C LEU B 47 16.96 10.43 -21.48
N THR B 48 18.04 10.33 -20.70
CA THR B 48 18.65 9.06 -20.36
C THR B 48 18.78 8.91 -18.86
N GLY B 49 18.43 7.74 -18.35
CA GLY B 49 18.69 7.41 -16.96
C GLY B 49 19.40 6.08 -16.88
N THR B 50 20.32 5.97 -15.92
CA THR B 50 21.14 4.77 -15.77
C THR B 50 21.37 4.48 -14.29
N ASP B 51 21.70 3.21 -14.02
CA ASP B 51 22.18 2.80 -12.71
C ASP B 51 23.52 2.08 -12.81
N LEU B 52 24.21 2.23 -13.95
CA LEU B 52 25.53 1.66 -14.21
C LEU B 52 25.43 0.24 -14.74
N GLU B 53 24.31 -0.44 -14.47
CA GLU B 53 24.07 -1.78 -14.99
C GLU B 53 23.02 -1.82 -16.09
N MET B 54 22.11 -0.86 -16.13
CA MET B 54 21.13 -0.74 -17.19
C MET B 54 20.87 0.74 -17.43
N GLU B 55 20.25 1.04 -18.57
CA GLU B 55 19.92 2.41 -18.89
C GLU B 55 18.65 2.46 -19.75
N MET B 56 17.90 3.54 -19.59
CA MET B 56 16.70 3.81 -20.36
C MET B 56 16.87 5.13 -21.09
N VAL B 57 16.51 5.16 -22.36
CA VAL B 57 16.63 6.35 -23.20
C VAL B 57 15.28 6.65 -23.84
N ALA B 58 14.84 7.89 -23.72
CA ALA B 58 13.61 8.36 -24.35
C ALA B 58 13.94 9.51 -25.28
N ARG B 59 13.16 9.62 -26.36
N ARG B 59 13.15 9.64 -26.34
CA ARG B 59 13.33 10.67 -27.35
CA ARG B 59 13.34 10.68 -27.35
C ARG B 59 12.00 11.39 -27.52
C ARG B 59 12.01 11.39 -27.57
N VAL B 60 12.05 12.73 -27.50
CA VAL B 60 10.88 13.57 -27.68
C VAL B 60 11.17 14.55 -28.80
N ALA B 61 10.16 14.82 -29.63
CA ALA B 61 10.31 15.72 -30.75
C ALA B 61 10.14 17.17 -30.29
N LEU B 62 11.04 18.03 -30.71
CA LEU B 62 11.00 19.45 -30.37
C LEU B 62 10.47 20.22 -31.58
N VAL B 63 9.24 20.73 -31.47
CA VAL B 63 8.62 21.49 -32.54
C VAL B 63 8.76 22.99 -32.33
N GLN B 64 9.31 23.43 -31.20
CA GLN B 64 9.55 24.83 -30.92
C GLN B 64 11.04 25.15 -30.95
N PRO B 65 11.42 26.41 -31.12
CA PRO B 65 12.84 26.75 -31.21
C PRO B 65 13.63 26.18 -30.05
N HIS B 66 14.87 25.79 -30.33
CA HIS B 66 15.71 25.13 -29.35
C HIS B 66 17.17 25.35 -29.71
N GLU B 67 18.05 25.10 -28.75
CA GLU B 67 19.49 25.25 -28.95
C GLU B 67 20.16 23.97 -28.47
N PRO B 68 21.06 23.38 -29.25
CA PRO B 68 21.70 22.12 -28.82
C PRO B 68 22.54 22.30 -27.57
N GLY B 69 22.80 21.18 -26.92
CA GLY B 69 23.56 21.17 -25.68
C GLY B 69 23.18 19.98 -24.83
N ALA B 70 23.95 19.79 -23.76
CA ALA B 70 23.76 18.63 -22.89
C ALA B 70 24.11 18.99 -21.46
N THR B 71 23.35 18.44 -20.53
CA THR B 71 23.62 18.58 -19.10
C THR B 71 22.91 17.44 -18.38
N THR B 72 23.12 17.36 -17.07
CA THR B 72 22.43 16.39 -16.24
C THR B 72 21.74 17.12 -15.09
N VAL B 73 20.57 16.61 -14.70
CA VAL B 73 19.73 17.24 -13.69
C VAL B 73 19.10 16.17 -12.82
N PRO B 74 18.93 16.49 -11.51
CA PRO B 74 18.27 15.53 -10.63
C PRO B 74 16.96 15.01 -11.20
N ALA B 75 16.86 13.68 -11.33
CA ALA B 75 15.74 13.06 -12.04
C ALA B 75 14.44 13.22 -11.28
N ARG B 76 14.39 12.76 -10.03
CA ARG B 76 13.15 12.80 -9.27
C ARG B 76 12.62 14.22 -9.17
N LYS B 77 13.50 15.19 -8.89
CA LYS B 77 13.04 16.57 -8.72
C LYS B 77 12.52 17.13 -10.04
N PHE B 78 13.21 16.87 -11.14
CA PHE B 78 12.74 17.35 -12.43
C PHE B 78 11.40 16.73 -12.78
N PHE B 79 11.25 15.43 -12.58
CA PHE B 79 9.97 14.76 -12.84
C PHE B 79 8.86 15.38 -11.99
N ASP B 80 9.10 15.50 -10.67
CA ASP B 80 8.05 16.01 -9.78
C ASP B 80 7.67 17.44 -10.13
N ILE B 81 8.62 18.24 -10.59
CA ILE B 81 8.31 19.62 -11.00
C ILE B 81 7.37 19.60 -12.20
N CYS B 82 7.73 18.83 -13.23
CA CYS B 82 6.89 18.79 -14.42
C CYS B 82 5.50 18.23 -14.10
N ARG B 83 5.45 17.15 -13.32
CA ARG B 83 4.16 16.57 -12.96
C ARG B 83 3.35 17.48 -12.04
N GLY B 84 4.04 18.35 -11.28
CA GLY B 84 3.33 19.28 -10.42
C GLY B 84 2.77 20.49 -11.13
N LEU B 85 3.21 20.75 -12.36
CA LEU B 85 2.69 21.88 -13.12
C LEU B 85 1.30 21.55 -13.65
N PRO B 86 0.49 22.58 -13.91
CA PRO B 86 -0.91 22.34 -14.28
C PRO B 86 -1.04 21.80 -15.70
N GLU B 87 -2.18 21.16 -15.95
CA GLU B 87 -2.46 20.59 -17.25
C GLU B 87 -2.36 21.65 -18.34
N GLY B 88 -1.74 21.28 -19.45
CA GLY B 88 -1.58 22.21 -20.56
C GLY B 88 -0.45 23.20 -20.40
N ALA B 89 0.38 23.07 -19.37
CA ALA B 89 1.46 24.01 -19.14
C ALA B 89 2.58 23.81 -20.16
N GLU B 90 3.29 24.91 -20.45
CA GLU B 90 4.49 24.88 -21.26
C GLU B 90 5.71 25.03 -20.36
N ILE B 91 6.75 24.25 -20.64
CA ILE B 91 7.94 24.19 -19.80
C ILE B 91 9.13 24.65 -20.63
N ALA B 92 9.76 25.74 -20.21
CA ALA B 92 10.92 26.31 -20.87
C ALA B 92 12.17 26.05 -20.03
N VAL B 93 13.20 25.50 -20.66
CA VAL B 93 14.42 25.08 -19.97
C VAL B 93 15.61 25.76 -20.62
N GLN B 94 16.51 26.29 -19.78
CA GLN B 94 17.75 26.86 -20.27
C GLN B 94 18.80 26.73 -19.17
N LEU B 95 20.07 26.79 -19.57
CA LEU B 95 21.19 26.62 -18.67
C LEU B 95 21.71 27.98 -18.22
N GLU B 96 22.10 28.07 -16.94
CA GLU B 96 22.64 29.29 -16.36
C GLU B 96 23.82 28.88 -15.47
N GLY B 97 24.95 28.58 -16.11
CA GLY B 97 26.14 28.20 -15.37
C GLY B 97 26.02 26.77 -14.87
N GLU B 98 26.20 26.59 -13.55
CA GLU B 98 26.04 25.30 -12.90
C GLU B 98 24.59 25.02 -12.50
N ARG B 99 23.62 25.64 -13.19
CA ARG B 99 22.22 25.50 -12.86
C ARG B 99 21.41 25.38 -14.14
N MET B 100 20.25 24.73 -14.01
CA MET B 100 19.25 24.67 -15.06
C MET B 100 18.02 25.43 -14.58
N LEU B 101 17.54 26.37 -15.38
CA LEU B 101 16.36 27.16 -15.05
C LEU B 101 15.16 26.57 -15.76
N VAL B 102 14.12 26.24 -14.99
CA VAL B 102 12.85 25.74 -15.52
C VAL B 102 11.81 26.82 -15.28
N ARG B 103 11.11 27.24 -16.34
CA ARG B 103 10.10 28.27 -16.24
C ARG B 103 8.79 27.77 -16.86
N SER B 104 7.68 28.10 -16.19
CA SER B 104 6.35 27.76 -16.69
C SER B 104 5.36 28.68 -15.99
N GLY B 105 4.71 29.56 -16.75
CA GLY B 105 3.85 30.54 -16.12
C GLY B 105 4.67 31.44 -15.22
N ARG B 106 4.18 31.66 -14.00
CA ARG B 106 4.92 32.38 -12.98
C ARG B 106 5.55 31.43 -11.95
N SER B 107 5.96 30.25 -12.40
CA SER B 107 6.68 29.28 -11.58
C SER B 107 8.11 29.19 -12.09
N ARG B 108 9.08 29.29 -11.18
CA ARG B 108 10.48 29.27 -11.54
C ARG B 108 11.21 28.26 -10.66
N PHE B 109 12.07 27.47 -11.28
CA PHE B 109 12.84 26.46 -10.59
C PHE B 109 14.28 26.51 -11.09
N SER B 110 15.22 26.42 -10.15
CA SER B 110 16.64 26.44 -10.44
C SER B 110 17.26 25.18 -9.83
N LEU B 111 17.64 24.24 -10.69
CA LEU B 111 18.17 22.95 -10.28
C LEU B 111 19.67 22.89 -10.52
N SER B 112 20.38 22.22 -9.62
CA SER B 112 21.82 22.04 -9.79
C SER B 112 22.08 20.95 -10.83
N THR B 113 23.18 21.09 -11.54
CA THR B 113 23.54 20.18 -12.61
C THR B 113 24.90 19.55 -12.33
N LEU B 114 25.20 18.50 -13.09
CA LEU B 114 26.53 17.91 -13.16
C LEU B 114 26.91 17.76 -14.62
N PRO B 115 28.19 17.91 -14.96
CA PRO B 115 28.58 17.87 -16.38
C PRO B 115 28.15 16.58 -17.05
N ALA B 116 27.68 16.71 -18.29
CA ALA B 116 27.23 15.55 -19.05
C ALA B 116 28.39 14.64 -19.42
N ALA B 117 29.60 15.20 -19.56
CA ALA B 117 30.76 14.40 -19.91
C ALA B 117 31.05 13.32 -18.88
N ASP B 118 30.49 13.43 -17.68
CA ASP B 118 30.68 12.44 -16.63
C ASP B 118 29.56 11.42 -16.54
N PHE B 119 28.49 11.60 -17.32
CA PHE B 119 27.44 10.59 -17.37
C PHE B 119 27.99 9.33 -18.03
N PRO B 120 27.86 8.16 -17.40
CA PRO B 120 28.58 6.99 -17.91
C PRO B 120 27.93 6.43 -19.17
N ASN B 121 28.79 6.03 -20.11
CA ASN B 121 28.36 5.41 -21.37
C ASN B 121 28.49 3.91 -21.27
N LEU B 122 27.49 3.19 -21.76
CA LEU B 122 27.58 1.74 -21.87
C LEU B 122 28.38 1.38 -23.12
N ASP B 123 29.25 0.38 -22.98
CA ASP B 123 30.09 -0.03 -24.10
C ASP B 123 29.24 -0.54 -25.26
N ASP B 124 29.80 -0.45 -26.45
CA ASP B 124 29.14 -1.03 -27.61
C ASP B 124 29.29 -2.55 -27.57
N TRP B 125 28.33 -3.25 -28.19
CA TRP B 125 28.32 -4.70 -28.17
C TRP B 125 27.65 -5.22 -29.43
N GLN B 126 28.04 -6.42 -29.83
CA GLN B 126 27.55 -7.04 -31.06
C GLN B 126 26.24 -7.79 -30.76
N SER B 127 25.20 -7.45 -31.52
CA SER B 127 23.95 -8.19 -31.43
C SER B 127 24.11 -9.55 -32.11
N GLU B 128 23.70 -10.60 -31.42
CA GLU B 128 23.79 -11.97 -31.94
C GLU B 128 22.44 -12.56 -32.28
N VAL B 129 21.41 -12.23 -31.50
CA VAL B 129 20.04 -12.65 -31.78
C VAL B 129 19.18 -11.41 -31.89
N GLU B 130 18.23 -11.43 -32.82
CA GLU B 130 17.36 -10.28 -33.05
C GLU B 130 15.99 -10.77 -33.48
N PHE B 131 14.95 -10.23 -32.84
CA PHE B 131 13.58 -10.61 -33.19
C PHE B 131 12.62 -9.57 -32.62
N THR B 132 11.41 -9.57 -33.18
CA THR B 132 10.31 -8.76 -32.68
C THR B 132 9.15 -9.66 -32.29
N LEU B 133 8.30 -9.17 -31.39
CA LEU B 133 7.15 -9.93 -30.92
C LEU B 133 6.17 -8.96 -30.27
N PRO B 134 4.90 -9.34 -30.17
CA PRO B 134 3.91 -8.48 -29.50
C PRO B 134 4.30 -8.21 -28.05
N GLN B 135 3.91 -7.03 -27.56
CA GLN B 135 4.15 -6.70 -26.16
C GLN B 135 3.39 -7.66 -25.25
N ALA B 136 2.17 -8.04 -25.64
CA ALA B 136 1.38 -8.96 -24.82
C ALA B 136 2.09 -10.30 -24.66
N THR B 137 2.76 -10.78 -25.71
CA THR B 137 3.50 -12.02 -25.62
C THR B 137 4.61 -11.92 -24.58
N MET B 138 5.43 -10.86 -24.68
CA MET B 138 6.48 -10.65 -23.69
C MET B 138 5.89 -10.51 -22.29
N LYS B 139 4.75 -9.81 -22.17
CA LYS B 139 4.07 -9.70 -20.89
C LYS B 139 3.72 -11.08 -20.34
N ARG B 140 3.12 -11.93 -21.16
CA ARG B 140 2.74 -13.26 -20.71
C ARG B 140 3.98 -14.05 -20.27
N LEU B 141 5.06 -13.96 -21.04
CA LEU B 141 6.26 -14.75 -20.72
C LEU B 141 6.78 -14.41 -19.35
N ILE B 142 6.81 -13.12 -18.99
CA ILE B 142 7.39 -12.70 -17.72
C ILE B 142 6.43 -12.98 -16.57
N GLU B 143 5.16 -12.61 -16.72
CA GLU B 143 4.19 -12.82 -15.65
C GLU B 143 4.05 -14.29 -15.30
N ALA B 144 4.30 -15.18 -16.26
CA ALA B 144 4.13 -16.61 -16.02
C ALA B 144 5.20 -17.17 -15.09
N THR B 145 6.36 -16.51 -14.98
CA THR B 145 7.50 -17.07 -14.27
C THR B 145 8.15 -16.13 -13.26
N GLN B 146 7.78 -14.84 -13.24
CA GLN B 146 8.51 -13.89 -12.40
C GLN B 146 8.49 -14.29 -10.93
N PHE B 147 7.34 -14.75 -10.42
CA PHE B 147 7.21 -15.02 -8.99
C PHE B 147 8.14 -16.13 -8.51
N SER B 148 8.65 -16.96 -9.42
CA SER B 148 9.50 -18.08 -9.02
C SER B 148 10.97 -17.71 -8.87
N MET B 149 11.35 -16.49 -9.23
CA MET B 149 12.75 -16.09 -9.11
C MET B 149 13.18 -16.07 -7.65
N ALA B 150 14.44 -16.39 -7.42
CA ALA B 150 15.02 -16.26 -6.10
C ALA B 150 15.30 -14.79 -5.79
N HIS B 151 15.44 -14.49 -4.50
CA HIS B 151 15.75 -13.13 -4.04
C HIS B 151 16.96 -13.20 -3.12
N GLN B 152 18.06 -12.56 -3.53
CA GLN B 152 19.29 -12.48 -2.74
C GLN B 152 19.95 -13.84 -2.57
N ASP B 153 19.73 -14.76 -3.50
CA ASP B 153 20.37 -16.06 -3.42
C ASP B 153 21.87 -15.94 -3.69
N VAL B 154 22.67 -16.63 -2.88
CA VAL B 154 24.11 -16.68 -3.12
C VAL B 154 24.38 -17.16 -4.54
N ARG B 155 23.53 -18.05 -5.06
CA ARG B 155 23.61 -18.44 -6.47
C ARG B 155 23.12 -17.29 -7.33
N TYR B 156 23.93 -16.23 -7.39
CA TYR B 156 23.63 -15.00 -8.14
C TYR B 156 22.80 -15.25 -9.40
N TYR B 157 23.09 -16.34 -10.13
CA TYR B 157 22.40 -16.57 -11.39
C TYR B 157 20.93 -16.91 -11.19
N LEU B 158 20.52 -17.38 -10.01
CA LEU B 158 19.12 -17.67 -9.76
C LEU B 158 18.30 -16.41 -9.47
N ASN B 159 18.95 -15.29 -9.18
CA ASN B 159 18.22 -14.06 -8.89
C ASN B 159 17.62 -13.43 -10.14
N GLY B 160 17.97 -13.90 -11.33
CA GLY B 160 17.45 -13.38 -12.56
C GLY B 160 16.48 -14.35 -13.23
N MET B 161 16.21 -14.09 -14.50
CA MET B 161 15.29 -14.89 -15.29
C MET B 161 15.98 -15.32 -16.58
N LEU B 162 15.90 -16.61 -16.88
CA LEU B 162 16.49 -17.11 -18.11
C LEU B 162 15.61 -16.76 -19.30
N PHE B 163 16.24 -16.26 -20.36
CA PHE B 163 15.58 -16.00 -21.64
C PHE B 163 16.27 -16.88 -22.68
N GLU B 164 15.54 -17.87 -23.19
CA GLU B 164 16.11 -18.88 -24.07
C GLU B 164 15.36 -18.89 -25.39
N THR B 165 16.10 -18.80 -26.49
CA THR B 165 15.55 -18.93 -27.83
C THR B 165 15.81 -20.33 -28.36
N GLU B 166 14.85 -20.83 -29.13
CA GLU B 166 14.98 -22.15 -29.74
C GLU B 166 13.94 -22.34 -30.83
N GLY B 167 14.39 -22.61 -32.04
CA GLY B 167 13.49 -22.79 -33.17
C GLY B 167 12.63 -21.57 -33.42
N GLU B 168 11.33 -21.71 -33.13
CA GLU B 168 10.36 -20.64 -33.32
C GLU B 168 9.94 -19.98 -32.01
N GLU B 169 10.40 -20.50 -30.87
CA GLU B 169 9.83 -20.14 -29.57
C GLU B 169 10.82 -19.32 -28.74
N LEU B 170 10.28 -18.36 -28.00
CA LEU B 170 10.99 -17.72 -26.90
C LEU B 170 10.50 -18.34 -25.60
N ARG B 171 11.44 -18.55 -24.67
CA ARG B 171 11.15 -19.23 -23.41
C ARG B 171 11.70 -18.44 -22.25
N THR B 172 10.99 -18.52 -21.11
CA THR B 172 11.43 -17.92 -19.86
C THR B 172 11.44 -18.99 -18.78
N VAL B 173 12.42 -18.92 -17.88
CA VAL B 173 12.58 -19.89 -16.80
C VAL B 173 13.06 -19.16 -15.55
N ALA B 174 12.45 -19.49 -14.42
CA ALA B 174 12.82 -18.94 -13.13
C ALA B 174 12.66 -19.99 -12.05
N THR B 175 13.56 -19.97 -11.07
CA THR B 175 13.56 -20.97 -10.02
C THR B 175 14.39 -20.47 -8.86
N ASP B 176 14.02 -20.90 -7.66
CA ASP B 176 14.76 -20.58 -6.45
C ASP B 176 15.31 -21.81 -5.76
N GLY B 177 15.33 -22.97 -6.45
CA GLY B 177 15.82 -24.19 -5.88
C GLY B 177 14.75 -25.06 -5.24
N HIS B 178 13.56 -24.52 -4.99
CA HIS B 178 12.44 -25.29 -4.44
C HIS B 178 11.28 -25.41 -5.40
N ARG B 179 10.95 -24.35 -6.13
CA ARG B 179 9.95 -24.41 -7.18
C ARG B 179 10.55 -23.81 -8.45
N LEU B 180 9.93 -24.13 -9.58
N LEU B 180 9.93 -24.13 -9.58
CA LEU B 180 10.38 -23.68 -10.89
CA LEU B 180 10.39 -23.65 -10.88
C LEU B 180 9.17 -23.36 -11.74
C LEU B 180 9.19 -23.37 -11.77
N ALA B 181 9.33 -22.34 -12.60
CA ALA B 181 8.31 -21.94 -13.56
C ALA B 181 8.95 -21.84 -14.93
N VAL B 182 8.20 -22.27 -15.96
CA VAL B 182 8.70 -22.27 -17.33
C VAL B 182 7.54 -21.97 -18.26
N CYS B 183 7.79 -21.10 -19.24
CA CYS B 183 6.75 -20.67 -20.16
C CYS B 183 7.37 -20.43 -21.52
N SER B 184 6.79 -21.05 -22.55
CA SER B 184 7.26 -20.94 -23.92
C SER B 184 6.14 -20.42 -24.81
N MET B 185 6.48 -19.48 -25.69
CA MET B 185 5.54 -18.86 -26.59
C MET B 185 6.13 -18.86 -28.00
N PRO B 186 5.29 -19.00 -29.03
CA PRO B 186 5.80 -18.91 -30.40
C PRO B 186 5.78 -17.48 -30.92
N ILE B 187 6.82 -17.13 -31.67
CA ILE B 187 6.95 -15.81 -32.26
C ILE B 187 7.06 -15.84 -33.77
N GLY B 188 7.02 -17.03 -34.39
CA GLY B 188 6.92 -17.13 -35.83
C GLY B 188 8.16 -16.77 -36.61
N GLN B 189 9.32 -16.78 -35.98
CA GLN B 189 10.58 -16.47 -36.65
C GLN B 189 11.60 -17.57 -36.37
N SER B 190 12.36 -17.94 -37.40
CA SER B 190 13.45 -18.88 -37.23
C SER B 190 14.54 -18.22 -36.38
N LEU B 191 14.82 -18.81 -35.22
CA LEU B 191 15.73 -18.18 -34.28
C LEU B 191 16.94 -19.07 -34.01
N PRO B 192 18.10 -18.47 -33.74
CA PRO B 192 19.23 -19.26 -33.25
C PRO B 192 19.05 -19.64 -31.79
N SER B 193 19.57 -20.81 -31.44
CA SER B 193 19.57 -21.24 -30.05
C SER B 193 20.50 -20.36 -29.23
N HIS B 194 19.94 -19.71 -28.20
CA HIS B 194 20.73 -18.85 -27.33
C HIS B 194 20.04 -18.82 -25.96
N SER B 195 20.83 -18.62 -24.92
CA SER B 195 20.34 -18.69 -23.54
C SER B 195 21.11 -17.70 -22.69
N VAL B 196 20.39 -16.74 -22.09
CA VAL B 196 21.02 -15.69 -21.30
C VAL B 196 20.14 -15.36 -20.10
N ILE B 197 20.77 -14.87 -19.04
CA ILE B 197 20.11 -14.60 -17.77
C ILE B 197 19.94 -13.09 -17.64
N VAL B 198 18.69 -12.64 -17.55
CA VAL B 198 18.37 -11.23 -17.35
C VAL B 198 18.27 -10.98 -15.85
N PRO B 199 18.95 -9.97 -15.31
CA PRO B 199 18.92 -9.75 -13.86
C PRO B 199 17.57 -9.26 -13.38
N ARG B 200 17.36 -9.41 -12.06
CA ARG B 200 16.07 -9.09 -11.45
C ARG B 200 15.57 -7.71 -11.86
N LYS B 201 16.41 -6.69 -11.68
CA LYS B 201 16.00 -5.33 -12.00
C LYS B 201 15.75 -5.13 -13.49
N GLY B 202 16.43 -5.89 -14.33
CA GLY B 202 16.17 -5.81 -15.76
C GLY B 202 14.78 -6.31 -16.11
N VAL B 203 14.35 -7.40 -15.47
CA VAL B 203 13.01 -7.93 -15.69
C VAL B 203 11.97 -6.89 -15.31
N ILE B 204 12.17 -6.20 -14.18
CA ILE B 204 11.21 -5.21 -13.73
C ILE B 204 11.09 -4.09 -14.76
N GLU B 205 12.23 -3.52 -15.18
CA GLU B 205 12.19 -2.43 -16.14
C GLU B 205 11.58 -2.87 -17.46
N LEU B 206 11.84 -4.12 -17.87
CA LEU B 206 11.22 -4.65 -19.08
C LEU B 206 9.71 -4.57 -19.00
N MET B 207 9.14 -5.00 -17.88
CA MET B 207 7.69 -4.98 -17.72
C MET B 207 7.14 -3.56 -17.70
N ARG B 208 7.89 -2.60 -17.15
CA ARG B 208 7.40 -1.24 -17.02
C ARG B 208 7.12 -0.61 -18.37
N MET B 209 7.93 -0.94 -19.38
CA MET B 209 7.82 -0.31 -20.69
C MET B 209 6.85 -1.04 -21.62
N LEU B 210 6.00 -1.91 -21.09
CA LEU B 210 5.01 -2.62 -21.89
C LEU B 210 3.62 -2.06 -21.63
N ASP B 211 2.78 -2.08 -22.66
CA ASP B 211 1.36 -1.77 -22.50
C ASP B 211 0.52 -2.99 -22.83
N GLY B 213 -1.49 -3.78 -25.93
CA GLY B 213 -0.48 -4.83 -25.89
C GLY B 213 -0.35 -5.56 -27.21
N ASP B 214 -0.65 -4.87 -28.30
CA ASP B 214 -0.60 -5.45 -29.64
C ASP B 214 0.59 -4.97 -30.46
N ASN B 215 1.02 -3.73 -30.30
CA ASN B 215 2.06 -3.16 -31.14
C ASN B 215 3.42 -3.81 -30.84
N PRO B 216 4.37 -3.70 -31.76
CA PRO B 216 5.56 -4.56 -31.71
C PRO B 216 6.59 -4.11 -30.69
N LEU B 217 7.45 -5.06 -30.33
CA LEU B 217 8.56 -4.84 -29.41
C LEU B 217 9.77 -5.57 -29.96
N ARG B 218 10.86 -4.84 -30.16
CA ARG B 218 12.05 -5.37 -30.83
C ARG B 218 13.15 -5.64 -29.81
N VAL B 219 13.70 -6.85 -29.84
CA VAL B 219 14.68 -7.30 -28.86
C VAL B 219 15.99 -7.62 -29.59
N GLN B 220 17.10 -7.24 -28.96
CA GLN B 220 18.44 -7.58 -29.43
C GLN B 220 19.20 -8.19 -28.27
N ILE B 221 19.69 -9.41 -28.44
CA ILE B 221 20.43 -10.12 -27.41
C ILE B 221 21.88 -10.26 -27.87
N GLY B 222 22.81 -9.94 -26.97
CA GLY B 222 24.22 -10.12 -27.22
C GLY B 222 24.84 -11.09 -26.24
N SER B 223 26.17 -11.22 -26.29
CA SER B 223 26.84 -12.16 -25.40
C SER B 223 26.73 -11.71 -23.93
N ASN B 224 26.66 -10.41 -23.69
CA ASN B 224 26.62 -9.90 -22.33
C ASN B 224 25.59 -8.80 -22.11
N ASN B 225 24.78 -8.47 -23.11
CA ASN B 225 23.82 -7.38 -23.01
C ASN B 225 22.54 -7.76 -23.73
N ILE B 226 21.44 -7.14 -23.31
CA ILE B 226 20.15 -7.29 -23.97
C ILE B 226 19.56 -5.90 -24.17
N ARG B 227 18.81 -5.73 -25.25
CA ARG B 227 18.22 -4.45 -25.60
C ARG B 227 16.79 -4.65 -26.05
N ALA B 228 15.93 -3.68 -25.72
CA ALA B 228 14.52 -3.73 -26.09
C ALA B 228 14.09 -2.36 -26.60
N HIS B 229 13.44 -2.35 -27.75
CA HIS B 229 12.94 -1.13 -28.38
C HIS B 229 11.42 -1.13 -28.35
N VAL B 230 10.84 -0.06 -27.82
CA VAL B 230 9.38 0.11 -27.78
C VAL B 230 9.09 1.58 -28.03
N GLY B 231 8.39 1.87 -29.11
CA GLY B 231 8.12 3.25 -29.46
C GLY B 231 9.41 4.05 -29.45
N ASP B 232 9.36 5.23 -28.81
CA ASP B 232 10.51 6.11 -28.71
C ASP B 232 11.38 5.80 -27.48
N PHE B 233 11.36 4.56 -27.02
CA PHE B 233 12.11 4.12 -25.85
C PHE B 233 13.07 3.00 -26.22
N ILE B 234 14.26 3.01 -25.60
CA ILE B 234 15.25 1.97 -25.78
C ILE B 234 15.80 1.59 -24.41
N PHE B 235 15.65 0.33 -24.03
CA PHE B 235 16.13 -0.17 -22.75
C PHE B 235 17.31 -1.10 -22.99
N THR B 236 18.34 -0.97 -22.16
CA THR B 236 19.55 -1.77 -22.26
C THR B 236 19.97 -2.21 -20.88
N SER B 237 20.29 -3.50 -20.73
CA SER B 237 20.70 -4.06 -19.46
C SER B 237 21.91 -4.97 -19.66
N LYS B 238 22.73 -5.08 -18.62
CA LYS B 238 23.80 -6.06 -18.61
C LYS B 238 23.25 -7.41 -18.15
N LEU B 239 23.79 -8.48 -18.71
CA LEU B 239 23.34 -9.82 -18.36
C LEU B 239 24.08 -10.33 -17.12
N VAL B 240 23.54 -11.39 -16.53
CA VAL B 240 24.17 -12.06 -15.41
C VAL B 240 25.12 -13.12 -15.96
N ASP B 241 26.36 -13.11 -15.48
CA ASP B 241 27.41 -13.98 -15.99
C ASP B 241 27.43 -15.25 -15.14
N GLY B 242 26.69 -16.26 -15.58
CA GLY B 242 26.65 -17.51 -14.88
C GLY B 242 26.02 -18.60 -15.72
N ARG B 243 25.82 -19.75 -15.08
CA ARG B 243 25.29 -20.94 -15.74
C ARG B 243 23.96 -21.30 -15.08
N PHE B 244 22.88 -21.11 -15.82
CA PHE B 244 21.54 -21.40 -15.33
C PHE B 244 21.26 -22.89 -15.44
N PRO B 245 20.64 -23.50 -14.42
CA PRO B 245 20.35 -24.94 -14.48
C PRO B 245 19.42 -25.27 -15.64
N ASP B 246 19.36 -26.56 -15.96
CA ASP B 246 18.60 -27.07 -17.10
C ASP B 246 17.22 -27.48 -16.62
N TYR B 247 16.18 -26.73 -17.02
CA TYR B 247 14.83 -27.05 -16.60
C TYR B 247 14.37 -28.43 -17.09
N ARG B 248 14.99 -28.94 -18.16
CA ARG B 248 14.64 -30.27 -18.63
C ARG B 248 14.99 -31.34 -17.60
N ARG B 249 16.04 -31.12 -16.81
CA ARG B 249 16.52 -32.13 -15.88
C ARG B 249 15.76 -32.16 -14.56
N VAL B 250 14.91 -31.17 -14.31
CA VAL B 250 14.08 -31.16 -13.10
C VAL B 250 12.62 -31.51 -13.39
N LEU B 251 12.18 -31.43 -14.63
CA LEU B 251 10.86 -31.92 -14.98
C LEU B 251 10.75 -33.39 -14.56
N PRO B 252 9.72 -33.77 -13.81
CA PRO B 252 9.59 -35.19 -13.45
C PRO B 252 9.46 -36.05 -14.70
N LYS B 253 10.13 -37.21 -14.67
CA LYS B 253 10.02 -38.20 -15.73
C LYS B 253 8.83 -39.11 -15.45
N ASN B 254 7.94 -39.23 -16.43
CA ASN B 254 6.81 -40.14 -16.38
C ASN B 254 5.96 -39.94 -15.12
N PRO B 255 5.44 -38.73 -14.90
CA PRO B 255 4.47 -38.53 -13.82
C PRO B 255 3.10 -39.06 -14.22
N ASP B 256 2.84 -40.33 -13.93
CA ASP B 256 1.67 -41.02 -14.46
C ASP B 256 0.38 -40.72 -13.71
N LYS B 257 0.46 -40.22 -12.48
CA LYS B 257 -0.73 -39.91 -11.68
C LYS B 257 -1.20 -38.50 -12.06
N HIS B 258 -2.31 -38.42 -12.79
CA HIS B 258 -2.87 -37.16 -13.26
C HIS B 258 -4.11 -36.82 -12.45
N LEU B 259 -4.09 -35.65 -11.80
CA LEU B 259 -5.22 -35.14 -11.04
C LEU B 259 -5.69 -33.85 -11.69
N GLU B 260 -7.00 -33.70 -11.86
CA GLU B 260 -7.60 -32.49 -12.40
C GLU B 260 -8.66 -31.99 -11.42
N ALA B 261 -8.68 -30.67 -11.20
CA ALA B 261 -9.59 -30.07 -10.25
C ALA B 261 -9.93 -28.65 -10.69
N GLY B 262 -10.95 -28.09 -10.07
CA GLY B 262 -11.31 -26.70 -10.31
C GLY B 262 -10.26 -25.77 -9.76
N CYS B 263 -9.81 -24.83 -10.59
CA CYS B 263 -8.77 -23.87 -10.21
CA CYS B 263 -8.76 -23.92 -10.17
C CYS B 263 -9.20 -23.11 -8.95
N ASP B 264 -10.39 -22.51 -9.00
CA ASP B 264 -10.83 -21.67 -7.88
C ASP B 264 -11.14 -22.51 -6.65
N LEU B 265 -11.88 -23.61 -6.82
CA LEU B 265 -12.24 -24.45 -5.67
C LEU B 265 -10.98 -25.00 -4.99
N LEU B 266 -9.99 -25.39 -5.78
CA LEU B 266 -8.75 -25.91 -5.19
C LEU B 266 -7.98 -24.81 -4.48
N LYS B 267 -7.97 -23.61 -5.06
CA LYS B 267 -7.27 -22.48 -4.44
C LYS B 267 -7.92 -22.10 -3.10
N GLN B 268 -9.25 -21.98 -3.08
CA GLN B 268 -9.92 -21.60 -1.85
C GLN B 268 -9.72 -22.64 -0.76
N ALA B 269 -9.69 -23.92 -1.14
CA ALA B 269 -9.47 -24.98 -0.15
C ALA B 269 -8.08 -24.88 0.45
N PHE B 270 -7.05 -24.74 -0.39
CA PHE B 270 -5.69 -24.59 0.11
C PHE B 270 -5.56 -23.34 0.98
N ALA B 271 -6.24 -22.25 0.60
CA ALA B 271 -6.13 -21.01 1.36
C ALA B 271 -6.75 -21.15 2.75
N ARG B 272 -7.88 -21.86 2.84
CA ARG B 272 -8.49 -22.09 4.15
C ARG B 272 -7.63 -23.01 5.00
N ALA B 273 -7.07 -24.07 4.39
CA ALA B 273 -6.23 -24.98 5.16
C ALA B 273 -4.98 -24.27 5.67
N ALA B 274 -4.40 -23.38 4.87
CA ALA B 274 -3.18 -22.69 5.26
C ALA B 274 -3.33 -21.89 6.54
N ILE B 275 -4.55 -21.54 6.93
CA ILE B 275 -4.75 -20.74 8.14
C ILE B 275 -4.21 -21.46 9.35
N LEU B 276 -4.32 -22.79 9.39
CA LEU B 276 -3.89 -23.57 10.53
C LEU B 276 -2.62 -24.38 10.24
N SER B 277 -1.85 -23.98 9.23
CA SER B 277 -0.57 -24.58 8.97
C SER B 277 0.52 -23.88 9.77
N ASN B 278 1.68 -24.51 9.85
CA ASN B 278 2.81 -23.93 10.57
C ASN B 278 3.24 -22.62 9.90
N GLU B 279 3.38 -21.58 10.72
CA GLU B 279 3.69 -20.25 10.17
C GLU B 279 5.05 -20.21 9.50
N LYS B 280 5.97 -21.10 9.87
CA LYS B 280 7.30 -21.11 9.29
C LYS B 280 7.39 -22.05 8.09
N PHE B 281 7.00 -23.31 8.27
CA PHE B 281 7.14 -24.30 7.21
C PHE B 281 5.94 -24.35 6.27
N ARG B 282 4.75 -24.00 6.76
CA ARG B 282 3.56 -23.86 5.91
C ARG B 282 3.18 -25.19 5.26
N GLY B 283 3.38 -26.29 5.96
CA GLY B 283 3.17 -27.60 5.37
C GLY B 283 1.70 -28.02 5.42
N VAL B 284 1.19 -28.49 4.27
CA VAL B 284 -0.12 -29.11 4.20
C VAL B 284 0.04 -30.51 3.62
N ARG B 285 -0.90 -31.40 3.96
CA ARG B 285 -0.88 -32.79 3.52
C ARG B 285 -2.02 -33.04 2.55
N LEU B 286 -1.71 -33.68 1.42
CA LEU B 286 -2.69 -34.01 0.40
C LEU B 286 -2.87 -35.52 0.36
N TYR B 287 -4.10 -35.97 0.63
CA TYR B 287 -4.47 -37.37 0.44
CA TYR B 287 -4.48 -37.37 0.45
C TYR B 287 -5.27 -37.46 -0.84
N VAL B 288 -4.75 -38.21 -1.82
CA VAL B 288 -5.39 -38.39 -3.11
C VAL B 288 -5.95 -39.80 -3.16
N SER B 289 -7.22 -39.92 -3.57
CA SER B 289 -7.87 -41.21 -3.77
C SER B 289 -8.79 -41.07 -4.97
N GLU B 290 -9.49 -42.16 -5.29
CA GLU B 290 -10.33 -42.18 -6.48
C GLU B 290 -11.28 -40.99 -6.51
N ASN B 291 -11.03 -40.06 -7.43
CA ASN B 291 -11.90 -38.91 -7.66
C ASN B 291 -12.13 -38.12 -6.37
N GLN B 292 -11.10 -38.03 -5.53
CA GLN B 292 -11.22 -37.28 -4.29
C GLN B 292 -9.85 -36.76 -3.85
N LEU B 293 -9.84 -35.56 -3.29
CA LEU B 293 -8.65 -34.96 -2.72
C LEU B 293 -8.98 -34.45 -1.32
N LYS B 294 -8.11 -34.74 -0.36
CA LYS B 294 -8.29 -34.34 1.03
C LYS B 294 -7.06 -33.58 1.50
N ILE B 295 -7.25 -32.33 1.90
CA ILE B 295 -6.16 -31.44 2.32
C ILE B 295 -6.29 -31.21 3.82
N THR B 296 -5.19 -31.43 4.55
CA THR B 296 -5.16 -31.25 6.00
C THR B 296 -3.98 -30.37 6.38
N ALA B 297 -4.14 -29.63 7.48
CA ALA B 297 -3.09 -28.76 7.99
C ALA B 297 -3.06 -28.83 9.51
N ASN B 298 -1.86 -28.70 10.07
CA ASN B 298 -1.66 -28.73 11.52
C ASN B 298 -0.58 -27.72 11.89
N ASN B 299 -0.77 -27.05 13.03
CA ASN B 299 0.24 -26.11 13.52
C ASN B 299 0.74 -26.55 14.89
N PRO B 300 1.80 -25.95 15.43
CA PRO B 300 2.32 -26.41 16.73
C PRO B 300 1.29 -26.40 17.84
N GLU B 301 0.33 -25.48 17.81
CA GLU B 301 -0.70 -25.39 18.84
C GLU B 301 -1.73 -26.52 18.74
N GLN B 302 -1.51 -27.51 17.88
CA GLN B 302 -2.37 -28.69 17.74
C GLN B 302 -3.74 -28.37 17.16
N GLU B 303 -3.87 -27.25 16.45
CA GLU B 303 -5.07 -26.97 15.69
C GLU B 303 -5.01 -27.67 14.34
N GLU B 304 -6.19 -27.91 13.76
CA GLU B 304 -6.30 -28.80 12.62
C GLU B 304 -7.38 -28.32 11.64
N ALA B 305 -7.04 -28.35 10.36
CA ALA B 305 -7.97 -28.07 9.28
C ALA B 305 -8.10 -29.28 8.38
N GLU B 306 -9.24 -29.38 7.69
CA GLU B 306 -9.48 -30.47 6.77
C GLU B 306 -10.40 -29.98 5.65
N GLU B 307 -10.04 -30.30 4.41
CA GLU B 307 -10.86 -30.00 3.25
C GLU B 307 -10.99 -31.26 2.40
N ILE B 308 -12.16 -31.46 1.81
CA ILE B 308 -12.42 -32.57 0.90
C ILE B 308 -13.01 -31.99 -0.39
N LEU B 309 -12.42 -32.35 -1.52
CA LEU B 309 -12.85 -31.87 -2.82
C LEU B 309 -13.14 -33.05 -3.75
N ASP B 310 -14.11 -32.86 -4.63
CA ASP B 310 -14.32 -33.77 -5.74
C ASP B 310 -13.38 -33.39 -6.88
N VAL B 311 -12.65 -34.36 -7.40
CA VAL B 311 -11.67 -34.16 -8.47
C VAL B 311 -11.73 -35.34 -9.42
N THR B 312 -10.95 -35.24 -10.50
CA THR B 312 -10.81 -36.30 -11.49
C THR B 312 -9.46 -36.99 -11.25
N TYR B 313 -9.50 -38.22 -10.76
CA TYR B 313 -8.28 -38.95 -10.45
C TYR B 313 -8.62 -40.43 -10.34
N SER B 314 -7.79 -41.28 -10.96
CA SER B 314 -8.06 -42.72 -11.02
C SER B 314 -6.83 -43.56 -10.71
N GLY B 315 -5.74 -42.95 -10.23
CA GLY B 315 -4.51 -43.66 -9.97
C GLY B 315 -4.46 -44.25 -8.58
N ALA B 316 -3.26 -44.70 -8.20
CA ALA B 316 -3.05 -45.29 -6.90
C ALA B 316 -3.19 -44.24 -5.80
N GLU B 317 -3.60 -44.69 -4.62
CA GLU B 317 -3.69 -43.79 -3.48
C GLU B 317 -2.30 -43.32 -3.08
N MET B 318 -2.21 -42.05 -2.66
CA MET B 318 -0.94 -41.45 -2.31
C MET B 318 -1.19 -40.28 -1.39
N GLU B 319 -0.27 -40.07 -0.45
CA GLU B 319 -0.27 -38.90 0.39
C GLU B 319 1.07 -38.20 0.29
N ILE B 320 1.03 -36.87 0.16
CA ILE B 320 2.22 -36.08 -0.15
C ILE B 320 2.05 -34.70 0.47
N GLY B 321 3.15 -34.18 1.03
CA GLY B 321 3.14 -32.88 1.67
C GLY B 321 3.68 -31.78 0.77
N PHE B 322 3.28 -30.54 1.05
CA PHE B 322 3.67 -29.41 0.23
C PHE B 322 3.71 -28.14 1.06
N ASN B 323 4.56 -27.22 0.62
CA ASN B 323 4.52 -25.84 1.08
C ASN B 323 3.32 -25.17 0.42
N VAL B 324 2.30 -24.85 1.23
CA VAL B 324 1.05 -24.35 0.66
C VAL B 324 1.24 -22.98 0.01
N SER B 325 2.27 -22.23 0.39
CA SER B 325 2.52 -20.94 -0.25
C SER B 325 3.00 -21.12 -1.68
N TYR B 326 3.92 -22.05 -1.92
CA TYR B 326 4.36 -22.35 -3.28
C TYR B 326 3.18 -22.80 -4.14
N VAL B 327 2.30 -23.63 -3.58
CA VAL B 327 1.16 -24.12 -4.34
C VAL B 327 0.26 -22.97 -4.74
N LEU B 328 -0.10 -22.12 -3.77
CA LEU B 328 -0.99 -21.00 -4.06
C LEU B 328 -0.35 -20.05 -5.07
N ASP B 329 0.96 -19.83 -4.97
CA ASP B 329 1.65 -19.01 -5.97
C ASP B 329 1.38 -19.51 -7.37
N VAL B 330 1.43 -20.83 -7.58
CA VAL B 330 1.20 -21.38 -8.90
C VAL B 330 -0.25 -21.16 -9.32
N LEU B 331 -1.18 -21.36 -8.41
CA LEU B 331 -2.59 -21.22 -8.78
C LEU B 331 -2.93 -19.76 -9.06
N ASN B 332 -2.33 -18.84 -8.31
CA ASN B 332 -2.51 -17.42 -8.62
C ASN B 332 -1.88 -17.06 -9.96
N ALA B 333 -0.84 -17.75 -10.37
CA ALA B 333 -0.21 -17.45 -11.65
C ALA B 333 -1.03 -17.97 -12.83
N LEU B 334 -1.73 -19.10 -12.66
CA LEU B 334 -2.39 -19.73 -13.78
C LEU B 334 -3.66 -19.00 -14.18
N LYS B 335 -4.40 -18.48 -13.21
CA LYS B 335 -5.68 -17.83 -13.47
C LYS B 335 -6.53 -18.73 -14.38
N CYS B 336 -6.70 -19.96 -13.96
CA CYS B 336 -7.23 -21.02 -14.82
C CYS B 336 -8.66 -21.38 -14.43
N GLU B 337 -9.30 -22.13 -15.32
CA GLU B 337 -10.58 -22.78 -15.03
C GLU B 337 -10.36 -24.14 -14.37
N ASN B 338 -9.53 -24.97 -14.98
CA ASN B 338 -9.18 -26.29 -14.46
C ASN B 338 -7.67 -26.43 -14.46
N VAL B 339 -7.14 -27.03 -13.39
CA VAL B 339 -5.71 -27.23 -13.22
C VAL B 339 -5.43 -28.73 -13.24
N ARG B 340 -4.24 -29.08 -13.72
CA ARG B 340 -3.80 -30.48 -13.84
C ARG B 340 -2.51 -30.64 -13.03
N MET B 341 -2.52 -31.58 -12.10
CA MET B 341 -1.34 -31.93 -11.32
C MET B 341 -0.86 -33.32 -11.70
N MET B 342 0.43 -33.42 -12.05
CA MET B 342 1.03 -34.67 -12.49
C MET B 342 2.01 -35.12 -11.41
N LEU B 343 1.70 -36.21 -10.74
CA LEU B 343 2.44 -36.70 -9.59
C LEU B 343 3.14 -38.02 -9.93
N THR B 344 4.12 -38.37 -9.09
CA THR B 344 4.87 -39.60 -9.24
C THR B 344 4.84 -40.39 -7.93
N ASP B 345 5.41 -39.81 -6.88
CA ASP B 345 5.39 -40.41 -5.55
C ASP B 345 5.48 -39.30 -4.52
N SER B 346 5.52 -39.69 -3.24
CA SER B 346 5.44 -38.72 -2.15
C SER B 346 6.74 -37.97 -1.91
N VAL B 347 7.85 -38.37 -2.55
CA VAL B 347 9.13 -37.72 -2.38
C VAL B 347 9.67 -37.14 -3.68
N SER B 348 8.85 -37.11 -4.73
CA SER B 348 9.27 -36.60 -6.03
C SER B 348 8.51 -35.32 -6.37
N SER B 349 9.10 -34.53 -7.27
CA SER B 349 8.50 -33.27 -7.65
C SER B 349 7.18 -33.51 -8.37
N VAL B 350 6.36 -32.46 -8.41
CA VAL B 350 5.07 -32.48 -9.08
C VAL B 350 5.07 -31.40 -10.14
N GLN B 351 4.28 -31.62 -11.18
CA GLN B 351 4.16 -30.68 -12.30
C GLN B 351 2.72 -30.21 -12.37
N ILE B 352 2.55 -28.89 -12.43
CA ILE B 352 1.23 -28.25 -12.41
C ILE B 352 1.09 -27.40 -13.66
N GLU B 353 -0.04 -27.54 -14.35
CA GLU B 353 -0.29 -26.78 -15.57
C GLU B 353 -1.76 -26.44 -15.66
N ASP B 354 -2.08 -25.43 -16.46
CA ASP B 354 -3.45 -25.19 -16.88
C ASP B 354 -3.94 -26.40 -17.67
N ALA B 355 -5.13 -26.91 -17.30
CA ALA B 355 -5.65 -28.11 -17.95
C ALA B 355 -5.79 -27.92 -19.46
N ALA B 356 -6.01 -26.69 -19.92
CA ALA B 356 -6.24 -26.42 -21.34
C ALA B 356 -5.19 -25.50 -21.93
N SER B 357 -3.95 -25.59 -21.44
CA SER B 357 -2.84 -24.79 -21.98
C SER B 357 -1.53 -25.39 -21.51
N GLN B 358 -0.72 -25.85 -22.45
CA GLN B 358 0.59 -26.44 -22.14
C GLN B 358 1.73 -25.43 -22.24
N SER B 359 1.44 -24.19 -22.64
CA SER B 359 2.50 -23.22 -22.86
C SER B 359 3.27 -22.90 -21.58
N ALA B 360 2.68 -23.14 -20.42
CA ALA B 360 3.33 -22.86 -19.14
C ALA B 360 3.25 -24.09 -18.24
N ALA B 361 4.33 -24.34 -17.50
CA ALA B 361 4.41 -25.47 -16.59
C ALA B 361 5.11 -25.04 -15.31
N TYR B 362 4.75 -25.69 -14.20
CA TYR B 362 5.30 -25.37 -12.90
C TYR B 362 5.69 -26.65 -12.20
N VAL B 363 6.87 -26.63 -11.56
CA VAL B 363 7.39 -27.78 -10.82
C VAL B 363 7.63 -27.36 -9.38
N VAL B 364 7.17 -28.17 -8.45
CA VAL B 364 7.23 -27.87 -7.01
C VAL B 364 7.69 -29.11 -6.27
N MET B 365 8.71 -28.96 -5.42
CA MET B 365 9.20 -30.09 -4.66
C MET B 365 8.35 -30.31 -3.41
N PRO B 366 8.04 -31.55 -3.05
CA PRO B 366 7.26 -31.81 -1.84
C PRO B 366 8.10 -31.68 -0.58
N MET B 367 7.41 -31.68 0.56
CA MET B 367 8.04 -31.71 1.87
C MET B 367 7.74 -33.05 2.56
N ARG B 368 8.48 -33.32 3.62
CA ARG B 368 8.24 -34.51 4.45
C ARG B 368 7.37 -34.15 5.64
C4 2KT C 1 16.50 28.32 13.98
C3 2KT C 1 15.14 28.58 13.40
C2 2KT C 1 14.04 28.54 14.43
O3 2KT C 1 14.14 29.28 15.40
C 2KT C 1 12.87 27.69 14.30
O 2KT C 1 12.28 27.69 13.22
H41 2KT C 1 17.17 28.34 13.28
H42 2KT C 1 16.70 29.00 14.65
H43 2KT C 1 16.51 27.44 14.40
H31 2KT C 1 15.14 29.46 12.97
H32 2KT C 1 14.95 27.92 12.71
N MVA C 2 12.43 26.92 15.32
CN MVA C 2 13.26 26.65 16.48
CA MVA C 2 11.09 26.29 15.31
CB MVA C 2 11.18 24.76 15.12
CG1 MVA C 2 12.14 24.40 14.00
CG2 MVA C 2 9.81 24.16 14.87
C MVA C 2 10.31 26.62 16.58
O MVA C 2 10.09 25.77 17.43
HN1 MVA C 2 14.11 26.26 16.20
HN2 MVA C 2 12.82 26.04 17.08
HN3 MVA C 2 13.45 27.48 16.95
HA MVA C 2 10.60 26.68 14.53
HB MVA C 2 11.53 24.38 15.96
HG11 MVA C 2 12.16 23.44 13.89
HG12 MVA C 2 11.86 24.82 13.18
HG13 MVA C 2 13.04 24.72 14.23
HG21 MVA C 2 9.90 23.19 14.76
HG22 MVA C 2 9.22 24.35 15.62
HG23 MVA C 2 9.44 24.54 14.06
C V3C C 3 7.75 27.41 17.91
CA V3C C 3 9.05 28.23 17.90
CB V3C C 3 8.80 29.73 17.71
CG V3C C 3 8.93 29.96 16.20
CD V3C C 3 10.08 29.02 15.82
C53 V3C C 3 9.13 31.43 15.80
C56 V3C C 3 9.31 31.66 14.31
N V3C C 3 9.86 27.88 16.73
O V3C C 3 7.44 26.72 16.95
HA V3C C 3 9.54 28.09 18.74
HB2 V3C C 3 9.46 30.26 18.20
HB3 V3C C 3 7.91 29.98 18.03
HG2 V3C C 3 8.10 29.66 15.74
HD3 V3C C 3 10.02 28.74 14.88
HD2 V3C C 3 10.95 29.43 15.97
H162 V3C C 3 9.92 31.76 16.28
H161 V3C C 3 8.35 31.94 16.12
H170 V3C C 3 10.06 31.14 13.99
H171 V3C C 3 9.46 32.59 14.14
H169 V3C C 3 8.51 31.37 13.84
N NZC C 4 7.02 27.45 19.04
O NZC C 4 4.58 28.55 19.72
OG1 NZC C 4 5.74 26.23 21.58
C NZC C 4 4.55 27.37 19.38
CA NZC C 4 5.85 26.58 19.17
CB NZC C 4 6.01 25.56 20.30
CG2 NZC C 4 7.41 25.01 20.37
C40 NZC C 4 7.32 28.33 20.16
HA NZC C 4 5.77 26.10 18.30
HB NZC C 4 5.36 24.84 20.17
HG2 NZC C 4 8.04 25.72 20.56
HG2A NZC C 4 7.65 24.60 19.51
HG2B NZC C 4 7.46 24.33 21.07
H40 NZC C 4 6.69 28.17 20.87
H40A NZC C 4 7.27 29.25 19.87
H40B NZC C 4 8.22 28.13 20.48
N LEU C 5 3.41 26.70 19.17
CA LEU C 5 2.15 27.14 19.74
C LEU C 5 2.42 27.40 21.22
C MP8 C 6 1.20 28.14 24.09
N MP8 C 6 1.97 28.55 21.76
O MP8 C 6 0.35 28.79 24.70
CA MP8 C 6 2.19 28.85 23.18
CB MP8 C 6 2.00 30.37 23.20
CD MP8 C 6 1.24 29.62 21.07
CE MP8 C 6 0.59 32.00 21.75
CG MP8 C 6 0.84 30.56 22.20
HA MP8 C 6 3.11 28.60 23.44
HB MP8 C 6 1.75 30.69 24.09
HBA MP8 C 6 2.80 30.84 22.91
HD MP8 C 6 0.44 29.28 20.59
HDA MP8 C 6 1.81 30.08 20.40
HE MP8 C 6 0.38 32.54 22.53
HEA MP8 C 6 -0.15 32.01 21.13
HEB MP8 C 6 1.39 32.33 21.32
HG MP8 C 6 0.00 30.27 22.64
N HLX C 7 1.34 26.82 24.23
CA HLX C 7 0.71 26.09 25.32
C HLX C 7 1.32 26.61 26.63
O HLX C 7 2.41 27.17 26.62
CB HLX C 7 0.90 24.58 25.21
CG HLX C 7 0.10 23.92 24.09
C7 HLX C 7 0.55 24.19 22.66
C8 HLX C 7 -0.29 23.43 21.65
C9 HLX C 7 2.03 23.85 22.47
H HLX C 7 1.82 26.39 23.65
HA HLX C 7 -0.27 26.24 25.29
H5 HLX C 7 0.64 24.17 26.06
H6 HLX C 7 1.85 24.40 25.06
H7 HLX C 7 -0.84 24.22 24.17
H8 HLX C 7 0.11 22.95 24.24
H9 HLX C 7 0.45 25.16 22.49
H10 HLX C 7 -1.22 23.72 21.73
H11 HLX C 7 -0.23 22.47 21.84
H12 HLX C 7 0.03 23.61 20.75
H13 HLX C 7 2.17 22.91 22.69
H14 HLX C 7 2.57 24.40 23.07
H15 HLX C 7 2.29 24.01 21.55
N MVA C 8 0.62 26.41 27.77
CN MVA C 8 -0.75 25.85 27.83
CA MVA C 8 1.04 27.10 29.01
CB MVA C 8 0.14 28.33 29.28
CG1 MVA C 8 -0.15 29.10 28.00
CG2 MVA C 8 0.74 29.24 30.33
C MVA C 8 1.04 26.17 30.23
O MVA C 8 0.18 26.29 31.10
HN1 MVA C 8 -1.08 25.85 28.74
HN2 MVA C 8 -0.75 24.92 27.51
HN3 MVA C 8 -1.35 26.36 27.28
HA MVA C 8 1.97 27.41 28.88
HB MVA C 8 -0.73 27.99 29.62
HG11 MVA C 8 -0.68 29.89 28.21
HG12 MVA C 8 0.70 29.37 27.59
HG13 MVA C 8 -0.64 28.54 27.38
HG21 MVA C 8 1.61 29.55 30.02
HG22 MVA C 8 0.85 28.75 31.16
HG23 MVA C 8 0.15 30.00 30.47
N PRO C 9 2.00 25.26 30.34
CA PRO C 9 3.36 25.43 29.80
C PRO C 9 3.52 24.81 28.42
N MLU C 10 4.76 24.87 27.88
CN MLU C 10 5.73 25.87 28.29
CA MLU C 10 5.18 23.95 26.83
C MLU C 10 5.69 24.69 25.59
O MLU C 10 6.82 24.48 25.16
CB MLU C 10 6.26 22.99 27.31
CG MLU C 10 5.90 22.15 28.54
CD1 MLU C 10 7.07 21.29 28.97
CD2 MLU C 10 4.68 21.28 28.25
HCN1 MLU C 10 5.35 26.77 28.14
HCN2 MLU C 10 6.54 25.78 27.76
HCN3 MLU C 10 5.94 25.76 29.23
HA MLU C 10 4.38 23.42 26.55
HB2 MLU C 10 6.51 22.39 26.59
HB3 MLU C 10 7.05 23.51 27.54
HG MLU C 10 5.66 22.76 29.28
HD11 MLU C 10 7.83 21.87 29.20
HD12 MLU C 10 6.82 20.76 29.75
HD13 MLU C 10 7.33 20.69 28.24
HD21 MLU C 10 3.91 21.84 28.06
HD22 MLU C 10 4.49 20.72 29.03
HD23 MLU C 10 4.86 20.70 27.49
N GLY C 11 4.85 25.57 25.02
CA GLY C 11 5.25 26.34 23.86
C GLY C 11 5.51 25.46 22.65
C4 2KT D 1 10.91 -33.00 7.52
C3 2KT D 1 11.83 -31.89 7.08
C2 2KT D 1 12.28 -32.01 5.65
O3 2KT D 1 12.97 -32.99 5.34
C 2KT D 1 11.92 -31.04 4.63
O 2KT D 1 10.73 -30.93 4.35
H41 2KT D 1 10.71 -32.91 8.46
H42 2KT D 1 11.34 -33.85 7.37
H43 2KT D 1 10.09 -32.96 7.01
H31 2KT D 1 12.61 -31.87 7.66
H32 2KT D 1 11.36 -31.04 7.18
N MVA D 2 12.86 -30.29 4.00
CN MVA D 2 14.24 -30.28 4.44
CA MVA D 2 12.52 -29.44 2.84
CB MVA D 2 12.57 -27.93 3.18
CG1 MVA D 2 11.84 -27.65 4.48
CG2 MVA D 2 12.01 -27.08 2.05
C MVA D 2 13.45 -29.74 1.66
O MVA D 2 14.28 -28.92 1.28
HN1 MVA D 2 14.74 -29.64 3.91
HN2 MVA D 2 14.63 -31.16 4.34
HN3 MVA D 2 14.29 -30.02 5.38
HA MVA D 2 11.58 -29.65 2.57
HB MVA D 2 13.52 -27.68 3.30
HG11 MVA D 2 11.86 -26.69 4.66
HG12 MVA D 2 12.27 -28.12 5.20
HG13 MVA D 2 10.91 -27.94 4.41
HG21 MVA D 2 11.09 -27.34 1.88
HG22 MVA D 2 12.54 -27.23 1.24
HG23 MVA D 2 12.04 -26.15 2.30
C V3C D 3 14.06 -30.45 -1.22
CA V3C D 3 14.26 -31.34 0.01
CB V3C D 3 13.88 -32.81 -0.25
CG V3C D 3 12.39 -32.86 0.12
CD V3C D 3 12.33 -31.97 1.36
C53 V3C D 3 11.84 -34.27 0.28
C56 V3C D 3 10.33 -34.34 0.49
N V3C D 3 13.34 -30.94 1.07
O V3C D 3 13.08 -29.70 -1.32
HA V3C D 3 15.20 -31.30 0.30
HB2 V3C D 3 14.02 -33.05 -1.19
HB3 V3C D 3 14.40 -33.41 0.32
HG2 V3C D 3 11.85 -32.43 -0.61
HD3 V3C D 3 11.44 -31.58 1.49
HD2 V3C D 3 12.56 -32.48 2.17
H162 V3C D 3 12.28 -34.69 1.05
H161 V3C D 3 12.06 -34.79 -0.52
H170 V3C D 3 10.08 -33.82 1.28
H171 V3C D 3 9.87 -33.98 -0.29
H169 V3C D 3 10.05 -35.26 0.63
N NZC D 4 15.02 -30.48 -2.17
O NZC D 4 14.99 -31.27 -4.79
OG1 NZC D 4 17.42 -29.33 -3.82
C NZC D 4 14.88 -30.06 -4.61
CA NZC D 4 15.05 -29.46 -3.20
CB NZC D 4 16.33 -28.62 -3.16
CG2 NZC D 4 16.78 -28.32 -1.75
C40 NZC D 4 16.06 -31.50 -2.21
HA NZC D 4 14.28 -28.87 -3.02
HB NZC D 4 16.16 -27.77 -3.66
HG2 NZC D 4 17.56 -27.74 -1.76
HG2A NZC D 4 17.00 -29.16 -1.30
HG2B NZC D 4 16.05 -27.87 -1.27
H40 NZC D 4 16.65 -31.33 -2.96
H40A NZC D 4 16.56 -31.49 -1.38
H40B NZC D 4 15.64 -32.38 -2.33
N LEU D 5 14.60 -29.19 -5.58
CA LEU D 5 14.66 -29.55 -6.99
C LEU D 5 15.97 -30.31 -7.23
C MP8 D 6 18.17 -31.42 -9.16
N MP8 D 6 15.95 -31.35 -8.06
O MP8 D 6 18.26 -31.67 -10.37
CA MP8 D 6 17.16 -32.16 -8.29
CB MP8 D 6 16.58 -33.39 -8.99
CD MP8 D 6 14.81 -31.81 -8.86
CE MP8 D 6 14.45 -33.83 -10.38
CG MP8 D 6 15.43 -32.82 -9.82
HA MP8 D 6 17.58 -32.40 -7.43
HB MP8 D 6 16.26 -34.05 -8.34
HBA MP8 D 6 17.25 -33.82 -9.56
HD MP8 D 6 14.13 -32.24 -8.29
HDA MP8 D 6 14.38 -31.07 -9.33
HE MP8 D 6 14.92 -34.45 -10.97
HEA MP8 D 6 13.76 -33.37 -10.89
HEB MP8 D 6 14.04 -34.32 -9.65
HG MP8 D 6 15.83 -32.35 -10.61
N HLX D 7 18.93 -30.51 -8.55
CA HLX D 7 19.81 -29.60 -9.27
C HLX D 7 21.26 -29.97 -8.95
O HLX D 7 21.57 -30.26 -7.79
CB HLX D 7 19.55 -28.14 -8.91
CG HLX D 7 18.17 -27.63 -9.29
C7 HLX D 7 18.03 -26.11 -9.21
C8 HLX D 7 18.50 -25.59 -7.86
C9 HLX D 7 16.59 -25.68 -9.47
H HLX D 7 18.89 -30.45 -7.68
HA HLX D 7 19.62 -29.70 -10.24
H5 HLX D 7 19.67 -28.03 -7.94
H6 HLX D 7 20.22 -27.58 -9.35
H7 HLX D 7 17.51 -28.04 -8.70
H8 HLX D 7 17.96 -27.92 -10.21
H9 HLX D 7 18.60 -25.71 -9.91
H10 HLX D 7 18.34 -24.63 -7.82
H11 HLX D 7 18.01 -26.03 -7.15
H12 HLX D 7 19.45 -25.76 -7.76
H13 HLX D 7 16.54 -24.71 -9.42
H14 HLX D 7 16.33 -25.97 -10.36
H15 HLX D 7 16.01 -26.08 -8.81
N MVA D 8 22.16 -29.96 -9.97
CN MVA D 8 21.86 -29.62 -11.37
CA MVA D 8 23.55 -30.40 -9.70
CB MVA D 8 23.89 -31.68 -10.49
CG1 MVA D 8 22.82 -32.74 -10.30
CG2 MVA D 8 25.25 -32.22 -10.11
C MVA D 8 24.57 -29.30 -10.03
O MVA D 8 24.76 -28.95 -11.18
HN1 MVA D 8 21.50 -28.71 -11.43
HN2 MVA D 8 21.20 -30.22 -11.73
HN3 MVA D 8 22.66 -29.67 -11.91
HA MVA D 8 23.61 -30.58 -8.73
HB MVA D 8 23.91 -31.45 -11.45
HG11 MVA D 8 21.96 -32.41 -10.62
HG12 MVA D 8 23.06 -33.54 -10.78
HG13 MVA D 8 22.74 -32.95 -9.34
HG21 MVA D 8 25.42 -33.04 -10.60
HG22 MVA D 8 25.28 -32.39 -9.16
HG23 MVA D 8 25.94 -31.56 -10.33
N PRO D 9 25.26 -28.73 -9.03
CA PRO D 9 25.04 -28.98 -7.60
C PRO D 9 23.83 -28.21 -7.09
N MLU D 10 23.52 -28.36 -5.78
CN MLU D 10 23.98 -29.50 -5.01
CA MLU D 10 22.67 -27.40 -5.09
C MLU D 10 21.44 -28.08 -4.47
O MLU D 10 21.17 -27.91 -3.28
CB MLU D 10 23.45 -26.65 -4.01
CG MLU D 10 24.78 -26.05 -4.46
CD1 MLU D 10 25.48 -25.35 -3.30
CD2 MLU D 10 24.59 -25.09 -5.61
HCN1 MLU D 10 24.94 -29.50 -4.97
HCN2 MLU D 10 23.67 -30.32 -5.42
HCN3 MLU D 10 23.61 -29.44 -4.11
HA MLU D 10 22.33 -26.74 -5.75
HB2 MLU D 10 23.61 -27.25 -3.26
HB3 MLU D 10 22.88 -25.92 -3.68
HG MLU D 10 25.35 -26.80 -4.77
HD11 MLU D 10 26.34 -25.00 -3.61
HD12 MLU D 10 24.92 -24.64 -2.97
HD13 MLU D 10 25.64 -26.00 -2.59
HD21 MLU D 10 25.45 -24.72 -5.88
HD22 MLU D 10 24.19 -25.55 -6.37
HD23 MLU D 10 24.01 -24.35 -5.34
N GLY D 11 20.70 -28.86 -5.28
CA GLY D 11 19.55 -29.56 -4.76
C GLY D 11 18.50 -28.64 -4.20
#